data_6TEN
#
_entry.id   6TEN
#
_cell.length_a   158.475
_cell.length_b   158.475
_cell.length_c   74.799
_cell.angle_alpha   90.000
_cell.angle_beta   90.000
_cell.angle_gamma   120.000
#
_symmetry.space_group_name_H-M   'P 63'
#
loop_
_entity.id
_entity.type
_entity.pdbx_description
1 polymer 'Histone-lysine N-methyltransferase, H3 lysine-79 specific'
2 non-polymer 3-[(4-azanyl-6-methoxy-1,3,5-triazin-2-yl)amino]-4-[[(~{S})-[2,2-bis(fluoranyl)-1,3-benzodioxol-4-yl]-(3-chloranylpyridin-2-yl)methyl]amino]benzenesulfonamide
3 non-polymer 'SULFATE ION'
4 water water
#
_entity_poly.entity_id   1
_entity_poly.type   'polypeptide(L)'
_entity_poly.pdbx_seq_one_letter_code
;GPGEKLELRLKSPVGAEPAVYPWPLPVYDKHHDAAHEIIETIRWVCEEIPDLKLAMENYVLIDYDTKSFESMQRLCDKYN
RAIDSIHQLWKGTTQPMKLNTRPSTGLLRHILQQVYNHSVTDPEKLNNYEPFSPEVYGETSFDLVAQMIDEIKMTDDDLF
VDLGSGVGQVVLQVAAATNCKHHYGVEKADIPAKYAETMDREFRKWMKWYGKKHAEYTLERGDFLSEEWRERIANTSVIF
VNNFAFGPEVDHQLKERFANMKEGGRIVSSKPFAPLNFRINSRNLSDIGTIMRVVELSPLKGSVSWTGKPVSYYLHTIDR
TILENYFSSLKNPG
;
_entity_poly.pdbx_strand_id   A,B
#
loop_
_chem_comp.id
_chem_comp.type
_chem_comp.name
_chem_comp.formula
N5K non-polymer 3-[(4-azanyl-6-methoxy-1,3,5-triazin-2-yl)amino]-4-[[(~{S})-[2,2-bis(fluoranyl)-1,3-benzodioxol-4-yl]-(3-chloranylpyridin-2-yl)methyl]amino]benzenesulfonamide 'C23 H19 Cl F2 N8 O5 S'
SO4 non-polymer 'SULFATE ION' 'O4 S -2'
#
# COMPACT_ATOMS: atom_id res chain seq x y z
N LEU A 6 15.94 31.52 -3.69
CA LEU A 6 14.83 30.85 -3.02
C LEU A 6 14.54 29.49 -3.68
N GLU A 7 15.50 28.56 -3.54
CA GLU A 7 15.39 27.22 -4.13
C GLU A 7 16.26 26.19 -3.40
N LEU A 8 15.97 24.91 -3.66
CA LEU A 8 16.70 23.76 -3.13
C LEU A 8 17.15 22.94 -4.33
N ARG A 9 18.40 22.47 -4.29
CA ARG A 9 18.96 21.68 -5.38
C ARG A 9 19.50 20.34 -4.93
N LEU A 10 19.15 19.28 -5.68
CA LEU A 10 19.64 17.93 -5.44
C LEU A 10 20.50 17.51 -6.61
N LYS A 11 21.78 17.23 -6.35
CA LYS A 11 22.73 16.79 -7.37
C LYS A 11 22.40 15.35 -7.75
N SER A 12 22.49 15.03 -9.05
CA SER A 12 22.23 13.69 -9.54
C SER A 12 23.34 12.69 -9.15
N PRO A 13 23.00 11.46 -8.71
CA PRO A 13 24.06 10.48 -8.41
C PRO A 13 24.89 10.03 -9.63
N VAL A 14 24.37 10.25 -10.86
CA VAL A 14 25.04 9.85 -12.12
C VAL A 14 25.53 11.05 -12.94
N GLY A 15 25.49 12.24 -12.37
CA GLY A 15 25.99 13.44 -13.03
C GLY A 15 25.04 14.09 -14.02
N ALA A 16 23.75 13.74 -13.96
CA ALA A 16 22.72 14.36 -14.81
C ALA A 16 22.44 15.77 -14.26
N GLU A 17 21.54 16.54 -14.92
CA GLU A 17 21.21 17.88 -14.45
C GLU A 17 20.63 17.84 -13.00
N PRO A 18 20.92 18.82 -12.12
CA PRO A 18 20.37 18.74 -10.76
C PRO A 18 18.84 18.91 -10.69
N ALA A 19 18.21 18.35 -9.64
CA ALA A 19 16.77 18.51 -9.39
C ALA A 19 16.65 19.86 -8.67
N VAL A 20 15.88 20.80 -9.24
CA VAL A 20 15.74 22.14 -8.66
C VAL A 20 14.30 22.32 -8.18
N TYR A 21 14.11 22.69 -6.91
CA TYR A 21 12.80 22.90 -6.31
C TYR A 21 12.70 24.34 -5.85
N PRO A 22 11.58 25.04 -6.08
CA PRO A 22 11.48 26.42 -5.54
C PRO A 22 11.07 26.38 -4.08
N TRP A 23 11.38 27.45 -3.34
CA TRP A 23 10.94 27.60 -1.96
C TRP A 23 10.02 28.83 -1.92
N PRO A 24 8.82 28.79 -1.30
CA PRO A 24 8.20 27.66 -0.59
C PRO A 24 8.00 26.45 -1.48
N LEU A 25 8.21 25.27 -0.92
CA LEU A 25 8.08 24.01 -1.66
C LEU A 25 6.63 23.74 -2.05
N PRO A 26 6.39 23.20 -3.26
CA PRO A 26 5.01 22.85 -3.63
C PRO A 26 4.32 21.86 -2.67
N VAL A 27 3.03 22.09 -2.43
CA VAL A 27 2.19 21.21 -1.63
C VAL A 27 1.46 20.30 -2.60
N TYR A 28 1.53 19.03 -2.36
CA TYR A 28 0.94 18.09 -3.27
C TYR A 28 -0.52 17.83 -2.92
N ASP A 29 -0.76 17.08 -1.84
CA ASP A 29 -2.09 16.75 -1.34
C ASP A 29 -2.09 17.06 0.15
N LYS A 30 -3.21 16.74 0.85
CA LYS A 30 -3.38 16.96 2.29
C LYS A 30 -2.26 16.30 3.15
N HIS A 31 -1.69 15.17 2.69
CA HIS A 31 -0.70 14.43 3.47
C HIS A 31 0.72 14.37 2.87
N HIS A 32 0.89 14.70 1.57
CA HIS A 32 2.21 14.69 0.95
C HIS A 32 2.64 16.05 0.39
N ASP A 33 3.95 16.34 0.46
CA ASP A 33 4.53 17.58 -0.05
C ASP A 33 5.93 17.33 -0.60
N ALA A 34 6.47 18.33 -1.31
CA ALA A 34 7.78 18.25 -1.94
C ALA A 34 8.90 18.02 -0.95
N ALA A 35 8.72 18.50 0.30
CA ALA A 35 9.73 18.36 1.37
C ALA A 35 9.99 16.89 1.68
N HIS A 36 8.91 16.10 1.82
CA HIS A 36 9.00 14.66 2.07
C HIS A 36 9.52 13.91 0.87
N GLU A 37 9.19 14.38 -0.35
CA GLU A 37 9.72 13.82 -1.59
C GLU A 37 11.26 13.99 -1.62
N ILE A 38 11.77 15.16 -1.17
CA ILE A 38 13.22 15.44 -1.13
C ILE A 38 13.95 14.45 -0.16
N ILE A 39 13.43 14.30 1.06
CA ILE A 39 14.04 13.40 2.07
C ILE A 39 14.02 11.94 1.56
N GLU A 40 12.85 11.50 1.02
CA GLU A 40 12.70 10.16 0.49
C GLU A 40 13.62 9.90 -0.71
N THR A 41 13.79 10.91 -1.60
CA THR A 41 14.70 10.82 -2.75
C THR A 41 16.13 10.58 -2.25
N ILE A 42 16.58 11.38 -1.26
CA ILE A 42 17.91 11.28 -0.67
C ILE A 42 18.09 9.88 -0.06
N ARG A 43 17.10 9.43 0.71
CA ARG A 43 17.12 8.10 1.33
C ARG A 43 17.18 6.97 0.29
N TRP A 44 16.45 7.10 -0.85
CA TRP A 44 16.54 6.13 -1.95
C TRP A 44 17.93 6.09 -2.59
N VAL A 45 18.54 7.27 -2.87
CA VAL A 45 19.87 7.35 -3.45
C VAL A 45 20.90 6.71 -2.50
N CYS A 46 20.76 6.91 -1.18
CA CYS A 46 21.59 6.30 -0.13
C CYS A 46 21.55 4.76 -0.11
N GLU A 47 20.41 4.17 -0.52
CA GLU A 47 20.21 2.73 -0.63
C GLU A 47 20.88 2.21 -1.90
N GLU A 48 20.72 2.97 -2.99
CA GLU A 48 21.28 2.71 -4.32
C GLU A 48 22.83 2.76 -4.27
N ILE A 49 23.40 3.66 -3.45
CA ILE A 49 24.86 3.82 -3.34
C ILE A 49 25.34 3.65 -1.89
N PRO A 50 25.86 2.44 -1.53
CA PRO A 50 26.42 2.24 -0.17
C PRO A 50 27.54 3.20 0.26
N ASP A 51 28.42 3.64 -0.67
CA ASP A 51 29.51 4.59 -0.32
C ASP A 51 28.90 5.92 0.19
N LEU A 52 27.75 6.34 -0.37
CA LEU A 52 27.04 7.57 -0.03
C LEU A 52 26.57 7.57 1.41
N LYS A 53 26.05 6.41 1.87
CA LYS A 53 25.58 6.16 3.23
C LYS A 53 26.75 6.33 4.19
N LEU A 54 27.95 5.85 3.80
CA LEU A 54 29.19 6.02 4.58
C LEU A 54 29.65 7.47 4.59
N ALA A 55 29.54 8.19 3.45
CA ALA A 55 29.97 9.59 3.33
C ALA A 55 29.05 10.59 4.05
N MET A 56 27.79 10.19 4.29
CA MET A 56 26.77 10.98 4.98
C MET A 56 26.70 10.65 6.47
N GLU A 57 26.69 11.68 7.32
CA GLU A 57 26.57 11.58 8.78
C GLU A 57 25.18 11.04 9.16
N ASN A 58 25.13 10.19 10.19
CA ASN A 58 23.94 9.48 10.69
C ASN A 58 22.67 10.35 10.80
N TYR A 59 22.71 11.36 11.69
CA TYR A 59 21.65 12.29 12.09
C TYR A 59 20.94 13.06 10.96
N VAL A 60 21.64 13.38 9.85
CA VAL A 60 21.17 14.25 8.74
C VAL A 60 19.81 13.82 8.15
N LEU A 61 19.53 12.51 8.06
CA LEU A 61 18.28 12.12 7.43
C LEU A 61 17.08 11.95 8.43
N ILE A 62 17.18 12.49 9.66
CA ILE A 62 16.09 12.48 10.65
C ILE A 62 15.97 13.85 11.37
N ASP A 63 17.12 14.51 11.59
CA ASP A 63 17.19 15.82 12.24
C ASP A 63 17.07 16.94 11.20
N TYR A 64 15.85 17.16 10.71
CA TYR A 64 15.53 18.18 9.70
C TYR A 64 14.17 18.79 10.07
N ASP A 65 13.86 19.97 9.51
CA ASP A 65 12.59 20.65 9.74
C ASP A 65 12.11 21.10 8.38
N THR A 66 11.06 20.42 7.87
CA THR A 66 10.43 20.66 6.57
C THR A 66 9.84 22.06 6.42
N LYS A 67 9.59 22.73 7.56
CA LYS A 67 9.00 24.06 7.64
C LYS A 67 10.06 25.15 7.66
N SER A 68 11.34 24.77 7.60
CA SER A 68 12.46 25.72 7.62
C SER A 68 13.28 25.62 6.35
N PHE A 69 13.50 26.76 5.71
CA PHE A 69 14.31 26.84 4.50
C PHE A 69 15.77 26.48 4.80
N GLU A 70 16.32 27.06 5.86
CA GLU A 70 17.69 26.86 6.36
C GLU A 70 17.96 25.37 6.61
N SER A 71 17.04 24.69 7.32
CA SER A 71 17.16 23.27 7.67
C SER A 71 17.09 22.38 6.44
N MET A 72 16.18 22.69 5.50
CA MET A 72 16.04 21.94 4.26
C MET A 72 17.24 22.13 3.34
N GLN A 73 17.80 23.34 3.35
CA GLN A 73 18.98 23.71 2.58
C GLN A 73 20.23 22.99 3.10
N ARG A 74 20.33 22.83 4.44
CA ARG A 74 21.44 22.14 5.12
C ARG A 74 21.40 20.65 4.75
N LEU A 75 20.20 20.05 4.80
CA LEU A 75 20.00 18.65 4.42
C LEU A 75 20.45 18.43 2.96
N CYS A 76 20.00 19.32 2.05
CA CYS A 76 20.35 19.25 0.63
C CYS A 76 21.84 19.40 0.39
N ASP A 77 22.49 20.34 1.12
CA ASP A 77 23.92 20.64 1.11
C ASP A 77 24.75 19.41 1.51
N LYS A 78 24.40 18.79 2.67
CA LYS A 78 25.07 17.59 3.20
C LYS A 78 25.00 16.43 2.16
N TYR A 79 23.84 16.22 1.53
CA TYR A 79 23.69 15.20 0.49
C TYR A 79 24.56 15.57 -0.73
N ASN A 80 24.47 16.83 -1.20
CA ASN A 80 25.20 17.30 -2.37
C ASN A 80 26.70 17.16 -2.22
N ARG A 81 27.21 17.40 -1.00
CA ARG A 81 28.64 17.31 -0.66
C ARG A 81 29.05 15.85 -0.57
N ALA A 82 28.17 15.00 0.00
CA ALA A 82 28.42 13.58 0.08
C ALA A 82 28.45 12.96 -1.33
N ILE A 83 27.55 13.43 -2.25
CA ILE A 83 27.54 12.98 -3.65
C ILE A 83 28.84 13.45 -4.34
N ASP A 84 29.32 14.67 -3.99
CA ASP A 84 30.59 15.20 -4.50
C ASP A 84 31.81 14.35 -4.13
N SER A 85 31.91 13.89 -2.85
CA SER A 85 33.05 13.05 -2.37
C SER A 85 33.04 11.68 -3.06
N ILE A 86 31.85 11.13 -3.27
CA ILE A 86 31.62 9.84 -3.94
C ILE A 86 32.04 9.95 -5.40
N HIS A 87 31.68 11.05 -6.08
CA HIS A 87 32.13 11.32 -7.44
C HIS A 87 33.67 11.49 -7.44
N GLN A 88 34.25 12.04 -6.34
CA GLN A 88 35.72 12.17 -6.22
C GLN A 88 36.37 10.79 -6.12
N LEU A 89 35.80 9.89 -5.29
CA LEU A 89 36.22 8.50 -5.10
C LEU A 89 36.16 7.73 -6.44
N TRP A 90 35.09 7.95 -7.24
CA TRP A 90 34.92 7.29 -8.53
C TRP A 90 35.84 7.83 -9.61
N LYS A 91 36.41 9.05 -9.45
CA LYS A 91 37.40 9.60 -10.38
C LYS A 91 38.66 8.75 -10.19
N GLY A 92 39.07 8.55 -8.92
CA GLY A 92 40.22 7.75 -8.49
C GLY A 92 40.21 6.29 -8.91
N ASN A 100 23.11 2.07 -15.09
CA ASN A 100 22.04 2.05 -16.09
C ASN A 100 21.32 0.69 -16.09
N THR A 101 20.73 0.37 -14.94
CA THR A 101 19.97 -0.84 -14.70
C THR A 101 18.50 -0.45 -14.47
N ARG A 102 17.60 -1.42 -14.49
CA ARG A 102 16.20 -1.15 -14.25
C ARG A 102 16.02 -0.79 -12.75
N PRO A 103 15.08 0.10 -12.38
CA PRO A 103 14.96 0.41 -10.95
C PRO A 103 14.39 -0.75 -10.13
N SER A 104 14.73 -0.80 -8.83
CA SER A 104 14.13 -1.79 -7.94
C SER A 104 12.63 -1.40 -7.84
N THR A 105 11.78 -2.35 -7.39
CA THR A 105 10.33 -2.11 -7.26
C THR A 105 10.05 -0.92 -6.29
N GLY A 106 10.74 -0.85 -5.16
CA GLY A 106 10.62 0.25 -4.20
C GLY A 106 10.97 1.61 -4.79
N LEU A 107 12.07 1.68 -5.54
CA LEU A 107 12.49 2.93 -6.15
C LEU A 107 11.49 3.37 -7.22
N LEU A 108 11.00 2.40 -8.02
CA LEU A 108 10.03 2.64 -9.08
C LEU A 108 8.74 3.23 -8.52
N ARG A 109 8.22 2.68 -7.42
CA ARG A 109 7.02 3.23 -6.78
C ARG A 109 7.22 4.70 -6.42
N HIS A 110 8.40 5.01 -5.83
CA HIS A 110 8.80 6.36 -5.48
C HIS A 110 8.87 7.25 -6.73
N ILE A 111 9.58 6.79 -7.78
CA ILE A 111 9.72 7.54 -9.04
C ILE A 111 8.34 7.86 -9.67
N LEU A 112 7.45 6.86 -9.77
CA LEU A 112 6.12 7.06 -10.37
C LEU A 112 5.33 8.09 -9.60
N GLN A 113 5.39 8.05 -8.25
CA GLN A 113 4.72 9.03 -7.40
C GLN A 113 5.30 10.44 -7.58
N GLN A 114 6.61 10.53 -7.67
CA GLN A 114 7.36 11.77 -7.88
C GLN A 114 6.96 12.38 -9.22
N VAL A 115 6.99 11.57 -10.29
CA VAL A 115 6.59 11.96 -11.65
C VAL A 115 5.14 12.49 -11.62
N TYR A 116 4.22 11.77 -10.92
CA TYR A 116 2.84 12.22 -10.80
C TYR A 116 2.73 13.59 -10.10
N ASN A 117 3.41 13.75 -8.95
CA ASN A 117 3.35 14.99 -8.15
C ASN A 117 3.87 16.21 -8.87
N HIS A 118 4.87 16.01 -9.76
CA HIS A 118 5.46 17.07 -10.59
C HIS A 118 4.60 17.35 -11.83
N SER A 119 3.76 16.41 -12.25
CA SER A 119 2.96 16.54 -13.46
C SER A 119 1.51 16.98 -13.24
N VAL A 120 0.82 16.36 -12.28
CA VAL A 120 -0.59 16.63 -11.99
C VAL A 120 -0.68 17.62 -10.85
N THR A 121 -0.58 18.90 -11.18
CA THR A 121 -0.60 20.03 -10.24
C THR A 121 -2.01 20.27 -9.69
N ASP A 122 -3.03 20.21 -10.57
CA ASP A 122 -4.44 20.39 -10.20
C ASP A 122 -5.15 19.02 -10.25
N PRO A 123 -5.43 18.40 -9.08
CA PRO A 123 -6.07 17.07 -9.09
C PRO A 123 -7.59 17.07 -9.31
N GLU A 124 -8.26 18.22 -9.04
CA GLU A 124 -9.71 18.39 -9.23
C GLU A 124 -10.05 18.36 -10.72
N LYS A 125 -9.09 18.82 -11.57
CA LYS A 125 -9.18 18.89 -13.04
C LYS A 125 -9.32 17.50 -13.68
N LEU A 126 -8.73 16.45 -13.04
CA LEU A 126 -8.79 15.06 -13.50
C LEU A 126 -10.20 14.50 -13.48
N ASN A 127 -10.97 14.82 -12.41
CA ASN A 127 -12.37 14.42 -12.15
C ASN A 127 -12.55 12.89 -12.16
N ASN A 128 -11.72 12.21 -11.37
CA ASN A 128 -11.73 10.75 -11.25
C ASN A 128 -12.02 10.31 -9.81
N TYR A 129 -13.26 9.88 -9.59
CA TYR A 129 -13.79 9.40 -8.30
C TYR A 129 -13.79 7.87 -8.28
N GLU A 130 -13.46 7.25 -9.42
CA GLU A 130 -13.48 5.83 -9.61
C GLU A 130 -12.32 5.09 -8.92
N PRO A 131 -12.49 3.81 -8.53
CA PRO A 131 -11.33 3.06 -7.99
C PRO A 131 -10.29 2.93 -9.10
N PHE A 132 -9.00 2.85 -8.73
CA PHE A 132 -7.87 2.75 -9.69
C PHE A 132 -7.68 4.07 -10.48
N SER A 133 -8.08 5.18 -9.89
CA SER A 133 -7.94 6.53 -10.44
C SER A 133 -6.44 6.93 -10.37
N PRO A 134 -5.91 7.78 -11.30
CA PRO A 134 -4.50 8.20 -11.20
C PRO A 134 -4.05 8.71 -9.83
N GLU A 135 -4.96 9.37 -9.10
CA GLU A 135 -4.74 9.95 -7.77
C GLU A 135 -4.32 8.91 -6.72
N VAL A 136 -4.81 7.66 -6.83
CA VAL A 136 -4.55 6.61 -5.83
C VAL A 136 -3.69 5.46 -6.38
N TYR A 137 -2.94 5.72 -7.47
CA TYR A 137 -2.11 4.73 -8.16
C TYR A 137 -1.20 3.92 -7.26
N GLY A 138 -0.45 4.63 -6.41
CA GLY A 138 0.51 4.06 -5.48
C GLY A 138 -0.12 3.12 -4.49
N GLU A 139 -1.32 3.42 -4.02
CA GLU A 139 -2.01 2.62 -3.00
C GLU A 139 -2.69 1.39 -3.56
N THR A 140 -3.33 1.53 -4.71
CA THR A 140 -4.13 0.46 -5.31
C THR A 140 -3.41 -0.30 -6.45
N SER A 141 -3.10 0.42 -7.53
CA SER A 141 -2.59 -0.12 -8.77
C SER A 141 -1.15 -0.61 -8.80
N PHE A 142 -0.19 0.13 -8.20
CA PHE A 142 1.22 -0.20 -8.31
C PHE A 142 1.54 -1.67 -8.01
N ASP A 143 1.15 -2.17 -6.83
CA ASP A 143 1.41 -3.56 -6.44
C ASP A 143 0.73 -4.57 -7.34
N LEU A 144 -0.49 -4.27 -7.78
CA LEU A 144 -1.27 -5.13 -8.67
C LEU A 144 -0.62 -5.20 -10.05
N VAL A 145 -0.20 -4.04 -10.60
CA VAL A 145 0.52 -3.98 -11.88
C VAL A 145 1.82 -4.80 -11.78
N ALA A 146 2.55 -4.70 -10.65
CA ALA A 146 3.81 -5.44 -10.42
C ALA A 146 3.59 -6.95 -10.44
N GLN A 147 2.50 -7.41 -9.80
CA GLN A 147 2.15 -8.83 -9.76
C GLN A 147 1.77 -9.32 -11.18
N MET A 148 1.06 -8.47 -11.94
CA MET A 148 0.65 -8.74 -13.33
C MET A 148 1.91 -8.87 -14.23
N ILE A 149 2.87 -7.95 -14.08
CA ILE A 149 4.16 -8.00 -14.80
C ILE A 149 4.87 -9.35 -14.55
N ASP A 150 4.97 -9.80 -13.27
CA ASP A 150 5.58 -11.08 -12.88
C ASP A 150 4.84 -12.29 -13.49
N GLU A 151 3.52 -12.21 -13.62
CA GLU A 151 2.68 -13.27 -14.17
C GLU A 151 2.73 -13.38 -15.71
N ILE A 152 2.72 -12.29 -16.47
CA ILE A 152 2.69 -12.47 -17.92
C ILE A 152 4.12 -12.60 -18.60
N LYS A 153 5.18 -12.23 -17.93
CA LYS A 153 6.56 -12.49 -18.41
C LYS A 153 6.82 -12.12 -19.91
N MET A 154 6.69 -10.85 -20.23
CA MET A 154 6.90 -10.26 -21.54
C MET A 154 8.37 -10.27 -21.98
N THR A 155 8.60 -10.43 -23.30
CA THR A 155 9.94 -10.47 -23.89
C THR A 155 10.12 -9.29 -24.88
N ASP A 156 11.31 -9.21 -25.53
CA ASP A 156 11.63 -8.19 -26.53
C ASP A 156 10.81 -8.33 -27.83
N ASP A 157 10.09 -9.46 -27.99
CA ASP A 157 9.21 -9.69 -29.14
C ASP A 157 7.82 -9.07 -28.90
N ASP A 158 7.49 -8.80 -27.62
CA ASP A 158 6.18 -8.24 -27.26
C ASP A 158 6.01 -6.76 -27.51
N LEU A 159 4.74 -6.37 -27.83
CA LEU A 159 4.29 -4.98 -27.98
C LEU A 159 3.15 -4.83 -27.00
N PHE A 160 3.30 -3.91 -26.05
CA PHE A 160 2.32 -3.70 -24.99
C PHE A 160 1.48 -2.45 -25.24
N VAL A 161 0.16 -2.55 -25.08
CA VAL A 161 -0.75 -1.42 -25.27
C VAL A 161 -1.76 -1.36 -24.11
N ASP A 162 -1.84 -0.20 -23.45
CA ASP A 162 -2.85 0.08 -22.44
C ASP A 162 -3.94 0.91 -23.15
N LEU A 163 -5.15 0.31 -23.32
CA LEU A 163 -6.29 0.96 -23.98
C LEU A 163 -7.04 1.78 -22.95
N GLY A 164 -6.91 3.10 -23.04
CA GLY A 164 -7.50 4.04 -22.07
C GLY A 164 -6.50 4.18 -20.93
N SER A 165 -5.33 4.75 -21.26
CA SER A 165 -4.15 4.78 -20.39
C SER A 165 -4.09 5.91 -19.35
N GLY A 166 -5.15 6.73 -19.27
CA GLY A 166 -5.23 7.84 -18.33
C GLY A 166 -4.07 8.82 -18.49
N VAL A 167 -3.28 9.00 -17.40
CA VAL A 167 -2.09 9.87 -17.42
C VAL A 167 -0.81 9.05 -17.77
N GLY A 168 -0.97 7.76 -18.08
CA GLY A 168 0.09 6.89 -18.55
C GLY A 168 0.85 6.08 -17.53
N GLN A 169 0.36 6.03 -16.28
CA GLN A 169 1.03 5.35 -15.17
C GLN A 169 1.34 3.87 -15.38
N VAL A 170 0.38 3.09 -15.93
CA VAL A 170 0.57 1.66 -16.20
C VAL A 170 1.70 1.49 -17.23
N VAL A 171 1.67 2.28 -18.30
CA VAL A 171 2.68 2.25 -19.37
C VAL A 171 4.07 2.56 -18.80
N LEU A 172 4.17 3.59 -17.92
CA LEU A 172 5.46 3.96 -17.31
C LEU A 172 6.02 2.84 -16.45
N GLN A 173 5.15 2.20 -15.64
CA GLN A 173 5.54 1.09 -14.78
C GLN A 173 6.04 -0.11 -15.58
N VAL A 174 5.25 -0.53 -16.60
CA VAL A 174 5.58 -1.65 -17.48
C VAL A 174 6.87 -1.36 -18.26
N ALA A 175 7.00 -0.13 -18.82
CA ALA A 175 8.22 0.25 -19.55
C ALA A 175 9.45 0.25 -18.62
N ALA A 176 9.27 0.63 -17.35
CA ALA A 176 10.41 0.60 -16.41
C ALA A 176 10.75 -0.83 -15.95
N ALA A 177 9.81 -1.78 -16.09
CA ALA A 177 10.04 -3.13 -15.61
C ALA A 177 10.36 -4.17 -16.65
N THR A 178 9.86 -4.02 -17.88
CA THR A 178 10.03 -5.05 -18.92
C THR A 178 10.94 -4.65 -20.07
N ASN A 179 11.29 -5.62 -20.90
CA ASN A 179 12.06 -5.39 -22.11
C ASN A 179 11.17 -5.48 -23.39
N CYS A 180 9.83 -5.16 -23.34
CA CYS A 180 8.99 -5.14 -24.57
C CYS A 180 9.64 -4.22 -25.56
N LYS A 181 9.50 -4.56 -26.85
CA LYS A 181 9.99 -3.76 -27.96
C LYS A 181 9.46 -2.32 -27.82
N HIS A 182 8.14 -2.17 -27.50
CA HIS A 182 7.51 -0.87 -27.33
C HIS A 182 6.28 -0.97 -26.46
N HIS A 183 5.95 0.10 -25.76
CA HIS A 183 4.80 0.19 -24.85
C HIS A 183 4.00 1.40 -25.30
N TYR A 184 2.69 1.22 -25.49
CA TYR A 184 1.86 2.34 -25.91
C TYR A 184 0.76 2.59 -24.92
N GLY A 185 0.45 3.86 -24.76
CA GLY A 185 -0.68 4.31 -23.99
C GLY A 185 -1.56 5.15 -24.89
N VAL A 186 -2.84 4.79 -25.05
CA VAL A 186 -3.80 5.56 -25.84
C VAL A 186 -4.93 6.04 -24.92
N GLU A 187 -5.17 7.35 -24.88
CA GLU A 187 -6.21 7.96 -24.05
C GLU A 187 -7.04 8.96 -24.86
N LYS A 188 -8.36 8.86 -24.80
CA LYS A 188 -9.27 9.72 -25.56
C LYS A 188 -9.51 11.08 -24.92
N ALA A 189 -9.73 11.12 -23.58
CA ALA A 189 -10.03 12.37 -22.86
C ALA A 189 -8.87 13.37 -22.91
N ASP A 190 -9.18 14.64 -23.22
CA ASP A 190 -8.23 15.75 -23.36
C ASP A 190 -7.40 16.02 -22.11
N ILE A 191 -8.03 16.16 -20.93
CA ILE A 191 -7.35 16.46 -19.66
C ILE A 191 -6.31 15.35 -19.30
N PRO A 192 -6.66 14.03 -19.21
CA PRO A 192 -5.62 13.04 -18.88
C PRO A 192 -4.50 12.94 -19.92
N ALA A 193 -4.87 13.00 -21.22
CA ALA A 193 -3.91 12.94 -22.35
C ALA A 193 -2.92 14.10 -22.33
N LYS A 194 -3.36 15.30 -21.87
CA LYS A 194 -2.53 16.50 -21.74
C LYS A 194 -1.57 16.31 -20.57
N TYR A 195 -2.08 15.82 -19.42
CA TYR A 195 -1.24 15.52 -18.25
C TYR A 195 -0.20 14.44 -18.61
N ALA A 196 -0.58 13.46 -19.45
CA ALA A 196 0.30 12.37 -19.92
C ALA A 196 1.55 12.91 -20.64
N GLU A 197 1.42 14.05 -21.34
CA GLU A 197 2.54 14.72 -22.02
C GLU A 197 3.58 15.19 -21.01
N THR A 198 3.11 15.72 -19.86
CA THR A 198 4.00 16.15 -18.79
C THR A 198 4.59 14.92 -18.08
N MET A 199 3.76 13.87 -17.83
CA MET A 199 4.19 12.62 -17.18
C MET A 199 5.36 12.02 -17.95
N ASP A 200 5.27 12.03 -19.29
CA ASP A 200 6.27 11.51 -20.20
C ASP A 200 7.62 12.24 -20.02
N ARG A 201 7.61 13.60 -20.08
CA ARG A 201 8.80 14.44 -19.88
C ARG A 201 9.38 14.26 -18.48
N GLU A 202 8.52 14.32 -17.44
CA GLU A 202 8.93 14.14 -16.05
C GLU A 202 9.54 12.77 -15.78
N PHE A 203 8.98 11.72 -16.41
CA PHE A 203 9.49 10.35 -16.25
C PHE A 203 10.88 10.19 -16.85
N ARG A 204 11.07 10.64 -18.09
CA ARG A 204 12.38 10.58 -18.77
C ARG A 204 13.44 11.37 -18.01
N LYS A 205 13.08 12.57 -17.50
CA LYS A 205 13.98 13.44 -16.73
C LYS A 205 14.41 12.77 -15.39
N TRP A 206 13.43 12.29 -14.60
CA TRP A 206 13.71 11.65 -13.32
C TRP A 206 14.46 10.34 -13.46
N MET A 207 14.14 9.54 -14.48
CA MET A 207 14.87 8.28 -14.72
C MET A 207 16.33 8.55 -15.06
N LYS A 208 16.59 9.63 -15.80
CA LYS A 208 17.94 10.06 -16.13
C LYS A 208 18.66 10.55 -14.86
N TRP A 209 17.95 11.29 -13.99
CA TRP A 209 18.50 11.80 -12.72
C TRP A 209 18.98 10.64 -11.84
N TYR A 210 18.19 9.56 -11.69
CA TYR A 210 18.56 8.38 -10.90
C TYR A 210 19.55 7.48 -11.62
N GLY A 211 19.64 7.59 -12.96
CA GLY A 211 20.46 6.77 -13.84
C GLY A 211 19.84 5.42 -14.10
N LYS A 212 18.50 5.39 -14.23
CA LYS A 212 17.76 4.15 -14.38
C LYS A 212 17.23 3.96 -15.78
N LYS A 213 17.30 2.71 -16.24
CA LYS A 213 16.91 2.24 -17.57
C LYS A 213 15.41 1.95 -17.63
N HIS A 214 14.80 2.20 -18.81
CA HIS A 214 13.43 1.88 -19.14
C HIS A 214 13.37 1.56 -20.63
N ALA A 215 12.38 0.78 -21.01
CA ALA A 215 12.15 0.41 -22.39
C ALA A 215 11.51 1.61 -23.11
N GLU A 216 11.41 1.53 -24.44
CA GLU A 216 10.77 2.55 -25.26
C GLU A 216 9.27 2.56 -25.03
N TYR A 217 8.68 3.75 -24.98
CA TYR A 217 7.24 3.89 -24.81
C TYR A 217 6.71 5.15 -25.51
N THR A 218 5.39 5.20 -25.77
CA THR A 218 4.72 6.35 -26.37
C THR A 218 3.36 6.51 -25.70
N LEU A 219 3.07 7.73 -25.24
CA LEU A 219 1.78 8.12 -24.69
C LEU A 219 1.12 9.01 -25.73
N GLU A 220 -0.06 8.62 -26.22
CA GLU A 220 -0.74 9.40 -27.24
C GLU A 220 -2.22 9.59 -26.99
N ARG A 221 -2.77 10.68 -27.55
CA ARG A 221 -4.19 10.98 -27.46
C ARG A 221 -4.86 10.28 -28.65
N GLY A 222 -6.00 9.65 -28.41
CA GLY A 222 -6.75 8.97 -29.46
C GLY A 222 -7.88 8.10 -28.98
N ASP A 223 -8.66 7.59 -29.93
CA ASP A 223 -9.81 6.71 -29.69
C ASP A 223 -9.37 5.33 -30.12
N PHE A 224 -9.26 4.39 -29.16
CA PHE A 224 -8.83 3.02 -29.47
C PHE A 224 -9.89 2.25 -30.30
N LEU A 225 -11.08 2.83 -30.49
CA LEU A 225 -12.13 2.23 -31.32
C LEU A 225 -12.10 2.78 -32.76
N SER A 226 -11.13 3.66 -33.10
CA SER A 226 -10.98 4.25 -34.43
C SER A 226 -10.45 3.23 -35.44
N GLU A 227 -10.53 3.57 -36.73
CA GLU A 227 -10.08 2.76 -37.86
C GLU A 227 -8.58 2.53 -37.83
N GLU A 228 -7.81 3.59 -37.51
CA GLU A 228 -6.37 3.58 -37.34
C GLU A 228 -6.01 2.54 -36.26
N TRP A 229 -6.76 2.51 -35.16
CA TRP A 229 -6.48 1.62 -34.04
C TRP A 229 -6.91 0.15 -34.26
N ARG A 230 -7.71 -0.16 -35.31
CA ARG A 230 -8.13 -1.52 -35.66
C ARG A 230 -6.93 -2.43 -35.95
N GLU A 231 -6.02 -1.99 -36.84
CA GLU A 231 -4.82 -2.74 -37.20
C GLU A 231 -3.77 -2.67 -36.10
N ARG A 232 -3.76 -1.59 -35.32
CA ARG A 232 -2.84 -1.45 -34.20
C ARG A 232 -3.14 -2.49 -33.10
N ILE A 233 -4.44 -2.71 -32.80
CA ILE A 233 -4.88 -3.74 -31.86
C ILE A 233 -4.52 -5.14 -32.42
N ALA A 234 -4.79 -5.37 -33.73
CA ALA A 234 -4.50 -6.64 -34.41
C ALA A 234 -3.01 -7.02 -34.29
N ASN A 235 -2.11 -6.02 -34.31
CA ASN A 235 -0.66 -6.24 -34.21
C ASN A 235 -0.10 -6.21 -32.78
N THR A 236 -0.95 -5.97 -31.76
CA THR A 236 -0.52 -5.93 -30.37
C THR A 236 -0.45 -7.34 -29.80
N SER A 237 0.62 -7.66 -29.07
CA SER A 237 0.77 -8.97 -28.47
C SER A 237 0.23 -9.00 -27.03
N VAL A 238 0.27 -7.85 -26.30
CA VAL A 238 -0.24 -7.77 -24.93
C VAL A 238 -1.10 -6.49 -24.79
N ILE A 239 -2.40 -6.67 -24.57
CA ILE A 239 -3.34 -5.57 -24.36
C ILE A 239 -3.66 -5.54 -22.84
N PHE A 240 -3.66 -4.34 -22.26
CA PHE A 240 -4.06 -4.10 -20.90
C PHE A 240 -5.28 -3.20 -21.03
N VAL A 241 -6.41 -3.57 -20.42
CA VAL A 241 -7.61 -2.76 -20.57
C VAL A 241 -8.48 -2.83 -19.31
N ASN A 242 -8.73 -1.67 -18.71
CA ASN A 242 -9.61 -1.59 -17.57
C ASN A 242 -11.03 -1.39 -18.12
N ASN A 243 -11.68 -2.51 -18.45
CA ASN A 243 -13.00 -2.55 -19.06
C ASN A 243 -14.13 -2.65 -18.04
N PHE A 244 -13.78 -2.56 -16.76
CA PHE A 244 -14.73 -2.69 -15.67
C PHE A 244 -16.03 -1.88 -15.85
N ALA A 245 -15.92 -0.60 -16.24
CA ALA A 245 -17.10 0.28 -16.40
C ALA A 245 -17.55 0.45 -17.86
N PHE A 246 -17.07 -0.39 -18.79
CA PHE A 246 -17.45 -0.32 -20.21
C PHE A 246 -18.89 -0.78 -20.43
N GLY A 247 -19.63 -0.01 -21.25
CA GLY A 247 -20.98 -0.36 -21.64
C GLY A 247 -20.99 -1.52 -22.64
N PRO A 248 -22.18 -2.13 -22.91
CA PRO A 248 -22.23 -3.26 -23.86
C PRO A 248 -21.73 -2.95 -25.27
N GLU A 249 -21.89 -1.69 -25.72
CA GLU A 249 -21.49 -1.26 -27.05
C GLU A 249 -19.98 -1.19 -27.20
N VAL A 250 -19.28 -0.55 -26.23
CA VAL A 250 -17.82 -0.46 -26.22
C VAL A 250 -17.25 -1.88 -26.07
N ASP A 251 -17.85 -2.71 -25.20
CA ASP A 251 -17.44 -4.10 -24.98
C ASP A 251 -17.57 -4.90 -26.30
N HIS A 252 -18.70 -4.71 -27.03
CA HIS A 252 -18.98 -5.36 -28.32
C HIS A 252 -17.96 -4.97 -29.38
N GLN A 253 -17.70 -3.66 -29.55
CA GLN A 253 -16.72 -3.12 -30.49
C GLN A 253 -15.31 -3.64 -30.20
N LEU A 254 -14.93 -3.71 -28.90
CA LEU A 254 -13.63 -4.21 -28.47
C LEU A 254 -13.41 -5.67 -28.85
N LYS A 255 -14.43 -6.52 -28.63
CA LYS A 255 -14.40 -7.94 -28.99
C LYS A 255 -14.15 -8.11 -30.48
N GLU A 256 -14.72 -7.20 -31.31
CA GLU A 256 -14.56 -7.20 -32.77
C GLU A 256 -13.10 -6.89 -33.12
N ARG A 257 -12.47 -5.95 -32.37
CA ARG A 257 -11.07 -5.58 -32.54
C ARG A 257 -10.17 -6.75 -32.13
N PHE A 258 -10.48 -7.40 -30.99
CA PHE A 258 -9.70 -8.54 -30.48
C PHE A 258 -9.74 -9.74 -31.41
N ALA A 259 -10.86 -9.88 -32.18
CA ALA A 259 -11.11 -10.95 -33.15
C ALA A 259 -10.09 -10.98 -34.29
N ASN A 260 -9.34 -9.86 -34.50
CA ASN A 260 -8.29 -9.74 -35.53
C ASN A 260 -6.87 -10.00 -34.96
N MET A 261 -6.74 -10.25 -33.64
CA MET A 261 -5.43 -10.51 -33.01
C MET A 261 -4.80 -11.83 -33.43
N LYS A 262 -3.46 -11.93 -33.28
CA LYS A 262 -2.73 -13.13 -33.67
C LYS A 262 -2.84 -14.20 -32.60
N GLU A 263 -2.61 -15.50 -32.97
CA GLU A 263 -2.56 -16.63 -32.04
C GLU A 263 -1.54 -16.27 -30.95
N GLY A 264 -1.90 -16.52 -29.70
CA GLY A 264 -1.03 -16.23 -28.56
C GLY A 264 -1.10 -14.80 -28.07
N GLY A 265 -1.86 -13.95 -28.78
CA GLY A 265 -2.11 -12.58 -28.38
C GLY A 265 -2.83 -12.59 -27.04
N ARG A 266 -2.48 -11.68 -26.14
CA ARG A 266 -3.02 -11.68 -24.79
C ARG A 266 -3.72 -10.41 -24.41
N ILE A 267 -4.78 -10.54 -23.61
CA ILE A 267 -5.55 -9.43 -23.11
C ILE A 267 -5.69 -9.56 -21.56
N VAL A 268 -5.23 -8.55 -20.85
CA VAL A 268 -5.29 -8.48 -19.39
C VAL A 268 -6.35 -7.44 -19.08
N SER A 269 -7.40 -7.86 -18.41
CA SER A 269 -8.54 -6.98 -18.13
C SER A 269 -9.09 -7.15 -16.72
N SER A 270 -10.03 -6.27 -16.33
CA SER A 270 -10.64 -6.28 -14.99
C SER A 270 -11.97 -7.04 -14.93
N LYS A 271 -12.61 -7.27 -16.10
CA LYS A 271 -13.81 -8.08 -16.28
C LYS A 271 -13.54 -9.00 -17.46
N PRO A 272 -13.91 -10.30 -17.44
CA PRO A 272 -13.62 -11.16 -18.59
C PRO A 272 -14.46 -10.81 -19.83
N PHE A 273 -13.87 -10.97 -21.01
CA PHE A 273 -14.55 -10.69 -22.27
C PHE A 273 -15.34 -11.92 -22.72
N ALA A 274 -15.00 -13.09 -22.21
CA ALA A 274 -15.73 -14.33 -22.51
C ALA A 274 -15.88 -15.11 -21.19
N PRO A 275 -16.89 -15.99 -21.04
CA PRO A 275 -17.04 -16.74 -19.77
C PRO A 275 -15.84 -17.64 -19.50
N LEU A 276 -15.52 -17.82 -18.22
CA LEU A 276 -14.40 -18.66 -17.81
C LEU A 276 -14.67 -20.14 -18.15
N ASN A 277 -15.95 -20.50 -18.16
CA ASN A 277 -16.56 -21.81 -18.37
C ASN A 277 -17.17 -21.97 -19.80
N PHE A 278 -16.75 -21.15 -20.77
CA PHE A 278 -17.25 -21.22 -22.15
C PHE A 278 -17.14 -22.61 -22.75
N ARG A 279 -18.28 -23.14 -23.23
CA ARG A 279 -18.34 -24.41 -23.93
C ARG A 279 -18.92 -24.15 -25.33
N ILE A 280 -18.06 -24.29 -26.36
CA ILE A 280 -18.46 -24.11 -27.75
C ILE A 280 -19.58 -25.11 -28.14
N ASN A 281 -20.61 -24.61 -28.82
CA ASN A 281 -21.74 -25.39 -29.30
C ASN A 281 -22.25 -24.77 -30.61
N SER A 282 -23.30 -25.34 -31.19
CA SER A 282 -23.87 -24.84 -32.43
C SER A 282 -24.58 -23.48 -32.32
N ARG A 283 -24.97 -23.12 -31.08
CA ARG A 283 -25.73 -21.88 -30.84
C ARG A 283 -24.89 -20.67 -30.41
N ASN A 284 -23.58 -20.85 -30.15
CA ASN A 284 -22.73 -19.75 -29.67
C ASN A 284 -21.48 -19.52 -30.52
N LEU A 285 -21.50 -19.94 -31.82
CA LEU A 285 -20.35 -19.85 -32.73
C LEU A 285 -19.89 -18.41 -33.04
N SER A 286 -20.75 -17.42 -32.78
CA SER A 286 -20.43 -16.02 -33.00
C SER A 286 -19.75 -15.36 -31.79
N ASP A 287 -19.67 -16.06 -30.66
CA ASP A 287 -19.07 -15.53 -29.44
C ASP A 287 -17.55 -15.56 -29.46
N ILE A 288 -16.91 -14.54 -28.82
CA ILE A 288 -15.46 -14.41 -28.75
C ILE A 288 -14.83 -15.62 -28.01
N GLY A 289 -15.60 -16.31 -27.15
CA GLY A 289 -15.16 -17.50 -26.42
C GLY A 289 -14.67 -18.63 -27.33
N THR A 290 -15.14 -18.63 -28.60
CA THR A 290 -14.73 -19.59 -29.63
C THR A 290 -13.27 -19.43 -30.04
N ILE A 291 -12.63 -18.26 -29.78
CA ILE A 291 -11.25 -18.01 -30.24
C ILE A 291 -10.31 -17.56 -29.12
N MET A 292 -10.70 -17.65 -27.85
CA MET A 292 -9.79 -17.27 -26.76
C MET A 292 -9.99 -18.06 -25.48
N ARG A 293 -8.88 -18.38 -24.84
CA ARG A 293 -8.82 -19.00 -23.54
C ARG A 293 -8.93 -17.82 -22.57
N VAL A 294 -9.50 -18.08 -21.39
CA VAL A 294 -9.68 -17.07 -20.34
C VAL A 294 -9.37 -17.74 -19.01
N VAL A 295 -8.59 -17.07 -18.17
CA VAL A 295 -8.26 -17.54 -16.82
C VAL A 295 -8.38 -16.36 -15.84
N GLU A 296 -8.82 -16.67 -14.63
CA GLU A 296 -8.92 -15.68 -13.57
C GLU A 296 -7.64 -15.81 -12.76
N LEU A 297 -6.94 -14.70 -12.63
CA LEU A 297 -5.72 -14.61 -11.85
C LEU A 297 -5.94 -13.72 -10.64
N SER A 298 -5.29 -14.05 -9.56
CA SER A 298 -5.40 -13.27 -8.34
C SER A 298 -4.11 -13.36 -7.58
N PRO A 299 -3.60 -12.22 -7.09
CA PRO A 299 -2.39 -12.28 -6.26
C PRO A 299 -2.60 -13.07 -4.94
N LEU A 300 -3.85 -13.18 -4.45
CA LEU A 300 -4.17 -13.93 -3.25
C LEU A 300 -3.98 -15.47 -3.38
N LYS A 301 -3.85 -15.99 -4.60
CA LYS A 301 -3.63 -17.41 -4.87
C LYS A 301 -2.15 -17.69 -5.15
N SER A 305 3.05 -13.74 -1.41
CA SER A 305 2.69 -13.11 -0.14
C SER A 305 1.96 -11.75 -0.32
N TRP A 306 0.73 -11.79 -0.84
CA TRP A 306 -0.13 -10.63 -1.06
C TRP A 306 -0.88 -10.28 0.22
N THR A 307 -0.98 -8.98 0.52
CA THR A 307 -1.71 -8.48 1.69
C THR A 307 -2.55 -7.25 1.31
N GLY A 308 -2.67 -6.93 0.01
CA GLY A 308 -3.52 -5.84 -0.47
C GLY A 308 -4.99 -6.28 -0.61
N LYS A 309 -5.78 -5.54 -1.42
CA LYS A 309 -7.22 -5.82 -1.71
C LYS A 309 -7.48 -7.20 -2.32
N PRO A 310 -8.64 -7.85 -2.03
CA PRO A 310 -8.90 -9.17 -2.61
C PRO A 310 -9.36 -9.09 -4.07
N VAL A 311 -8.45 -8.66 -4.93
CA VAL A 311 -8.64 -8.42 -6.35
C VAL A 311 -8.35 -9.62 -7.22
N SER A 312 -8.96 -9.63 -8.39
CA SER A 312 -8.71 -10.61 -9.43
C SER A 312 -8.67 -9.90 -10.77
N TYR A 313 -7.95 -10.48 -11.74
CA TYR A 313 -7.85 -9.95 -13.09
C TYR A 313 -7.96 -11.10 -14.05
N TYR A 314 -8.17 -10.79 -15.34
CA TYR A 314 -8.47 -11.81 -16.33
C TYR A 314 -7.47 -11.82 -17.48
N LEU A 315 -6.88 -12.98 -17.72
CA LEU A 315 -5.94 -13.18 -18.80
C LEU A 315 -6.64 -13.97 -19.93
N HIS A 316 -6.74 -13.36 -21.11
CA HIS A 316 -7.31 -13.94 -22.33
C HIS A 316 -6.18 -14.18 -23.28
N THR A 317 -6.17 -15.38 -23.88
CA THR A 317 -5.17 -15.79 -24.85
C THR A 317 -5.88 -16.22 -26.12
N ILE A 318 -5.58 -15.54 -27.23
CA ILE A 318 -6.12 -15.85 -28.56
C ILE A 318 -5.65 -17.26 -28.91
N ASP A 319 -6.61 -18.13 -29.17
CA ASP A 319 -6.38 -19.52 -29.53
C ASP A 319 -7.53 -20.02 -30.43
N ARG A 320 -7.31 -20.00 -31.74
CA ARG A 320 -8.32 -20.40 -32.73
C ARG A 320 -8.51 -21.91 -32.82
N THR A 321 -7.66 -22.70 -32.13
CA THR A 321 -7.81 -24.15 -32.09
C THR A 321 -9.10 -24.53 -31.37
N ILE A 322 -9.64 -23.65 -30.49
CA ILE A 322 -10.92 -23.92 -29.84
C ILE A 322 -11.98 -24.11 -30.93
N LEU A 323 -12.05 -23.16 -31.87
CA LEU A 323 -12.97 -23.16 -32.99
C LEU A 323 -12.64 -24.30 -33.98
N GLU A 324 -11.34 -24.50 -34.26
CA GLU A 324 -10.91 -25.55 -35.18
C GLU A 324 -11.28 -26.96 -34.70
N ASN A 325 -11.05 -27.27 -33.41
CA ASN A 325 -11.36 -28.57 -32.80
C ASN A 325 -12.84 -28.88 -32.85
N TYR A 326 -13.69 -27.84 -32.67
CA TYR A 326 -15.15 -27.97 -32.74
C TYR A 326 -15.57 -28.39 -34.13
N PHE A 327 -15.04 -27.71 -35.19
CA PHE A 327 -15.38 -28.06 -36.57
C PHE A 327 -14.86 -29.42 -36.96
N SER A 328 -13.68 -29.83 -36.45
CA SER A 328 -13.08 -31.14 -36.72
C SER A 328 -13.89 -32.24 -36.05
N SER A 329 -14.48 -31.97 -34.86
CA SER A 329 -15.34 -32.88 -34.10
C SER A 329 -16.65 -33.17 -34.84
N LEU A 330 -17.16 -32.17 -35.58
CA LEU A 330 -18.41 -32.26 -36.36
C LEU A 330 -18.21 -33.09 -37.64
N LYS A 331 -17.07 -32.92 -38.31
CA LYS A 331 -16.72 -33.61 -39.55
C LYS A 331 -16.30 -35.06 -39.29
N ASN A 332 -15.60 -35.26 -38.15
CA ASN A 332 -15.06 -36.55 -37.71
C ASN A 332 -15.62 -36.92 -36.30
N PRO A 333 -16.80 -37.57 -36.21
CA PRO A 333 -17.34 -37.92 -34.88
C PRO A 333 -16.81 -39.27 -34.35
N LYS B 5 -36.08 -1.58 5.34
CA LYS B 5 -36.24 -1.79 3.90
C LYS B 5 -35.05 -1.25 3.07
N LEU B 6 -34.74 0.05 3.22
CA LEU B 6 -33.64 0.72 2.51
C LEU B 6 -32.32 0.39 3.18
N GLU B 7 -31.91 -0.89 3.05
CA GLU B 7 -30.67 -1.37 3.67
C GLU B 7 -30.14 -2.63 3.00
N LEU B 8 -28.87 -2.95 3.28
CA LEU B 8 -28.16 -4.13 2.81
C LEU B 8 -27.65 -4.85 4.01
N ARG B 9 -27.80 -6.18 4.02
CA ARG B 9 -27.37 -7.00 5.17
C ARG B 9 -26.40 -8.09 4.77
N LEU B 10 -25.31 -8.21 5.53
CA LEU B 10 -24.34 -9.28 5.34
C LEU B 10 -24.36 -10.20 6.55
N LYS B 11 -24.72 -11.45 6.31
CA LYS B 11 -24.71 -12.48 7.37
C LYS B 11 -23.30 -12.81 7.76
N SER B 12 -23.09 -12.95 9.05
CA SER B 12 -21.78 -13.33 9.57
C SER B 12 -21.45 -14.78 9.21
N PRO B 13 -20.21 -15.09 8.76
CA PRO B 13 -19.84 -16.51 8.52
C PRO B 13 -19.83 -17.42 9.76
N VAL B 14 -19.80 -16.81 10.98
CA VAL B 14 -19.76 -17.57 12.24
C VAL B 14 -21.06 -17.43 13.05
N GLY B 15 -22.10 -16.86 12.47
CA GLY B 15 -23.37 -16.75 13.17
C GLY B 15 -23.50 -15.58 14.12
N ALA B 16 -22.58 -14.59 14.05
CA ALA B 16 -22.69 -13.38 14.85
C ALA B 16 -23.80 -12.49 14.25
N GLU B 17 -24.10 -11.35 14.87
CA GLU B 17 -25.14 -10.44 14.37
C GLU B 17 -24.79 -9.97 12.92
N PRO B 18 -25.78 -9.82 12.01
CA PRO B 18 -25.45 -9.40 10.63
C PRO B 18 -24.92 -7.96 10.54
N ALA B 19 -24.10 -7.68 9.50
CA ALA B 19 -23.60 -6.33 9.21
C ALA B 19 -24.74 -5.63 8.45
N VAL B 20 -25.24 -4.52 8.94
CA VAL B 20 -26.38 -3.80 8.34
C VAL B 20 -25.89 -2.45 7.82
N TYR B 21 -26.12 -2.17 6.54
CA TYR B 21 -25.71 -0.92 5.90
C TYR B 21 -26.94 -0.20 5.40
N PRO B 22 -27.08 1.12 5.59
CA PRO B 22 -28.25 1.81 5.02
C PRO B 22 -28.02 2.10 3.52
N TRP B 23 -29.09 2.30 2.77
CA TRP B 23 -29.01 2.71 1.38
C TRP B 23 -29.69 4.10 1.30
N PRO B 24 -29.10 5.12 0.63
CA PRO B 24 -27.80 5.12 -0.07
C PRO B 24 -26.65 4.79 0.87
N LEU B 25 -25.68 4.06 0.34
CA LEU B 25 -24.52 3.63 1.10
C LEU B 25 -23.62 4.79 1.52
N PRO B 26 -23.06 4.77 2.76
CA PRO B 26 -22.15 5.85 3.18
C PRO B 26 -20.94 6.01 2.26
N VAL B 27 -20.52 7.25 2.06
CA VAL B 27 -19.34 7.60 1.28
C VAL B 27 -18.20 7.84 2.29
N TYR B 28 -17.05 7.20 2.10
CA TYR B 28 -15.91 7.33 3.02
C TYR B 28 -14.96 8.50 2.64
N ASP B 29 -14.40 8.49 1.43
CA ASP B 29 -13.52 9.53 0.88
C ASP B 29 -13.81 9.57 -0.61
N LYS B 30 -13.08 10.41 -1.36
CA LYS B 30 -13.27 10.56 -2.81
C LYS B 30 -13.14 9.22 -3.60
N HIS B 31 -12.32 8.27 -3.09
CA HIS B 31 -12.06 7.02 -3.82
C HIS B 31 -12.56 5.72 -3.11
N HIS B 32 -12.99 5.79 -1.85
CA HIS B 32 -13.54 4.62 -1.18
C HIS B 32 -14.97 4.86 -0.65
N ASP B 33 -15.81 3.82 -0.71
CA ASP B 33 -17.21 3.88 -0.24
C ASP B 33 -17.62 2.55 0.33
N ALA B 34 -18.76 2.52 1.05
CA ALA B 34 -19.28 1.33 1.68
C ALA B 34 -19.63 0.20 0.66
N ALA B 35 -19.91 0.55 -0.62
CA ALA B 35 -20.22 -0.43 -1.66
C ALA B 35 -19.02 -1.32 -1.91
N HIS B 36 -17.83 -0.71 -2.02
CA HIS B 36 -16.58 -1.43 -2.23
C HIS B 36 -16.16 -2.21 -1.00
N GLU B 37 -16.45 -1.68 0.20
CA GLU B 37 -16.20 -2.37 1.46
C GLU B 37 -17.04 -3.66 1.52
N ILE B 38 -18.32 -3.60 1.04
CA ILE B 38 -19.20 -4.78 1.01
C ILE B 38 -18.63 -5.89 0.09
N ILE B 39 -18.26 -5.53 -1.15
CA ILE B 39 -17.72 -6.49 -2.11
C ILE B 39 -16.40 -7.10 -1.59
N GLU B 40 -15.52 -6.25 -1.05
CA GLU B 40 -14.22 -6.70 -0.48
C GLU B 40 -14.42 -7.61 0.73
N THR B 41 -15.39 -7.29 1.59
CA THR B 41 -15.73 -8.13 2.74
C THR B 41 -16.16 -9.53 2.25
N ILE B 42 -17.08 -9.58 1.26
CA ILE B 42 -17.56 -10.84 0.68
C ILE B 42 -16.39 -11.63 0.08
N ARG B 43 -15.52 -10.95 -0.68
CA ARG B 43 -14.33 -11.56 -1.28
C ARG B 43 -13.37 -12.11 -0.21
N TRP B 44 -13.18 -11.39 0.92
CA TRP B 44 -12.34 -11.88 2.02
C TRP B 44 -12.95 -13.13 2.68
N VAL B 45 -14.27 -13.14 2.95
CA VAL B 45 -14.95 -14.28 3.56
C VAL B 45 -14.85 -15.49 2.64
N CYS B 46 -14.99 -15.28 1.32
CA CYS B 46 -14.82 -16.37 0.32
C CYS B 46 -13.44 -16.97 0.34
N GLU B 47 -12.43 -16.11 0.47
CA GLU B 47 -11.03 -16.49 0.49
C GLU B 47 -10.70 -17.34 1.67
N GLU B 48 -11.27 -17.02 2.81
CA GLU B 48 -10.97 -17.74 4.02
C GLU B 48 -11.86 -18.95 4.27
N ILE B 49 -13.04 -19.05 3.62
CA ILE B 49 -13.87 -20.23 3.74
C ILE B 49 -13.91 -20.90 2.35
N PRO B 50 -13.03 -21.88 2.07
CA PRO B 50 -13.06 -22.55 0.74
C PRO B 50 -14.45 -23.10 0.33
N ASP B 51 -15.24 -23.67 1.27
CA ASP B 51 -16.58 -24.18 0.90
C ASP B 51 -17.49 -23.07 0.36
N LEU B 52 -17.34 -21.86 0.90
CA LEU B 52 -18.14 -20.70 0.50
C LEU B 52 -17.89 -20.30 -0.94
N LYS B 53 -16.62 -20.34 -1.35
CA LYS B 53 -16.17 -20.05 -2.71
C LYS B 53 -16.85 -21.06 -3.67
N LEU B 54 -16.93 -22.35 -3.26
CA LEU B 54 -17.62 -23.41 -4.01
C LEU B 54 -19.13 -23.17 -4.04
N ALA B 55 -19.71 -22.70 -2.91
CA ALA B 55 -21.16 -22.45 -2.88
C ALA B 55 -21.53 -21.23 -3.71
N MET B 56 -20.65 -20.24 -3.80
CA MET B 56 -20.97 -19.05 -4.60
C MET B 56 -20.68 -19.23 -6.09
N GLU B 57 -21.67 -18.86 -6.94
CA GLU B 57 -21.53 -18.89 -8.40
C GLU B 57 -20.47 -17.86 -8.82
N ASN B 58 -19.66 -18.22 -9.84
CA ASN B 58 -18.51 -17.45 -10.35
C ASN B 58 -18.78 -15.94 -10.54
N TYR B 59 -19.71 -15.61 -11.46
CA TYR B 59 -20.11 -14.27 -11.92
C TYR B 59 -20.53 -13.27 -10.84
N VAL B 60 -21.12 -13.77 -9.74
CA VAL B 60 -21.67 -12.95 -8.68
C VAL B 60 -20.73 -11.81 -8.22
N LEU B 61 -19.42 -12.08 -8.03
CA LEU B 61 -18.46 -11.14 -7.48
C LEU B 61 -17.85 -10.12 -8.46
N ILE B 62 -18.35 -10.06 -9.68
CA ILE B 62 -17.90 -9.10 -10.70
C ILE B 62 -19.09 -8.45 -11.41
N ASP B 63 -20.18 -9.20 -11.59
CA ASP B 63 -21.42 -8.73 -12.22
C ASP B 63 -22.35 -8.08 -11.18
N TYR B 64 -21.98 -6.88 -10.72
CA TYR B 64 -22.69 -6.06 -9.76
C TYR B 64 -22.58 -4.59 -10.20
N ASP B 65 -23.48 -3.74 -9.72
CA ASP B 65 -23.47 -2.32 -10.04
C ASP B 65 -23.69 -1.62 -8.72
N THR B 66 -22.62 -0.97 -8.20
CA THR B 66 -22.57 -0.26 -6.92
C THR B 66 -23.56 0.89 -6.85
N LYS B 67 -24.04 1.36 -8.02
CA LYS B 67 -24.96 2.48 -8.16
C LYS B 67 -26.41 2.01 -8.23
N SER B 68 -26.64 0.69 -8.11
CA SER B 68 -27.97 0.11 -8.17
C SER B 68 -28.31 -0.64 -6.89
N PHE B 69 -29.40 -0.21 -6.21
CA PHE B 69 -29.88 -0.83 -4.98
C PHE B 69 -30.23 -2.32 -5.22
N GLU B 70 -30.98 -2.58 -6.27
CA GLU B 70 -31.42 -3.91 -6.72
C GLU B 70 -30.22 -4.84 -6.95
N SER B 71 -29.20 -4.38 -7.67
CA SER B 71 -27.98 -5.11 -7.98
C SER B 71 -27.17 -5.40 -6.71
N MET B 72 -27.03 -4.41 -5.82
CA MET B 72 -26.32 -4.59 -4.55
C MET B 72 -27.04 -5.56 -3.63
N GLN B 73 -28.38 -5.51 -3.66
CA GLN B 73 -29.25 -6.38 -2.87
C GLN B 73 -29.14 -7.85 -3.34
N ARG B 74 -29.03 -8.06 -4.67
CA ARG B 74 -28.90 -9.39 -5.29
CA ARG B 74 -28.87 -9.35 -5.36
C ARG B 74 -27.53 -9.98 -4.92
N LEU B 75 -26.45 -9.16 -4.95
CA LEU B 75 -25.12 -9.59 -4.53
C LEU B 75 -25.16 -10.09 -3.03
N CYS B 76 -25.73 -9.28 -2.14
CA CYS B 76 -25.87 -9.59 -0.72
C CYS B 76 -26.75 -10.81 -0.52
N ASP B 77 -27.84 -10.94 -1.28
CA ASP B 77 -28.71 -12.13 -1.16
C ASP B 77 -27.96 -13.41 -1.57
N LYS B 78 -27.18 -13.36 -2.66
CA LYS B 78 -26.40 -14.50 -3.14
C LYS B 78 -25.36 -14.93 -2.10
N TYR B 79 -24.63 -13.96 -1.53
CA TYR B 79 -23.67 -14.23 -0.47
C TYR B 79 -24.41 -14.83 0.75
N ASN B 80 -25.52 -14.22 1.18
CA ASN B 80 -26.30 -14.69 2.34
C ASN B 80 -26.85 -16.14 2.14
N ARG B 81 -27.35 -16.46 0.94
CA ARG B 81 -27.84 -17.80 0.58
C ARG B 81 -26.68 -18.83 0.69
N ALA B 82 -25.48 -18.45 0.23
CA ALA B 82 -24.29 -19.28 0.23
C ALA B 82 -23.83 -19.54 1.68
N ILE B 83 -23.92 -18.55 2.56
CA ILE B 83 -23.59 -18.70 3.98
C ILE B 83 -24.56 -19.72 4.61
N ASP B 84 -25.85 -19.59 4.30
CA ASP B 84 -26.90 -20.50 4.80
C ASP B 84 -26.61 -21.95 4.40
N SER B 85 -26.17 -22.16 3.14
CA SER B 85 -25.84 -23.48 2.59
C SER B 85 -24.64 -24.07 3.33
N ILE B 86 -23.63 -23.23 3.61
CA ILE B 86 -22.40 -23.59 4.32
C ILE B 86 -22.72 -23.97 5.76
N HIS B 87 -23.63 -23.22 6.39
CA HIS B 87 -24.13 -23.53 7.71
C HIS B 87 -24.89 -24.84 7.70
N GLN B 88 -25.64 -25.16 6.63
CA GLN B 88 -26.33 -26.45 6.56
C GLN B 88 -25.31 -27.59 6.46
N LEU B 89 -24.27 -27.41 5.64
CA LEU B 89 -23.18 -28.37 5.43
C LEU B 89 -22.45 -28.66 6.76
N TRP B 90 -22.21 -27.61 7.56
CA TRP B 90 -21.54 -27.75 8.85
C TRP B 90 -22.41 -28.39 9.93
N LYS B 91 -23.75 -28.39 9.76
CA LYS B 91 -24.65 -29.09 10.68
C LYS B 91 -24.44 -30.59 10.45
N GLY B 92 -24.44 -30.99 9.16
CA GLY B 92 -24.26 -32.36 8.69
C GLY B 92 -22.94 -33.02 9.06
N THR B 93 -21.81 -32.39 8.71
CA THR B 93 -20.46 -32.88 8.99
C THR B 93 -20.16 -32.87 10.51
N LEU B 99 -11.83 -21.46 12.72
CA LEU B 99 -12.29 -20.08 12.57
C LEU B 99 -11.72 -19.10 13.62
N ASN B 100 -11.85 -19.42 14.98
CA ASN B 100 -11.37 -18.55 16.08
C ASN B 100 -9.83 -18.51 16.15
N THR B 101 -9.26 -18.11 15.02
CA THR B 101 -7.83 -17.99 14.80
C THR B 101 -7.52 -16.51 14.60
N ARG B 102 -6.24 -16.15 14.65
CA ARG B 102 -5.83 -14.78 14.41
C ARG B 102 -6.06 -14.46 12.92
N PRO B 103 -6.43 -13.23 12.54
CA PRO B 103 -6.65 -12.99 11.11
C PRO B 103 -5.35 -13.03 10.30
N SER B 104 -5.42 -13.36 9.02
CA SER B 104 -4.27 -13.27 8.13
C SER B 104 -3.93 -11.75 8.02
N THR B 105 -2.70 -11.43 7.61
CA THR B 105 -2.26 -10.04 7.44
C THR B 105 -3.19 -9.26 6.46
N GLY B 106 -3.57 -9.88 5.33
CA GLY B 106 -4.47 -9.27 4.36
C GLY B 106 -5.85 -8.94 4.91
N LEU B 107 -6.41 -9.89 5.67
CA LEU B 107 -7.72 -9.70 6.27
C LEU B 107 -7.68 -8.59 7.31
N LEU B 108 -6.60 -8.58 8.12
CA LEU B 108 -6.39 -7.59 9.17
C LEU B 108 -6.31 -6.18 8.59
N ARG B 109 -5.59 -5.99 7.51
CA ARG B 109 -5.50 -4.67 6.85
C ARG B 109 -6.92 -4.20 6.46
N HIS B 110 -7.72 -5.12 5.88
CA HIS B 110 -9.12 -4.85 5.51
C HIS B 110 -9.95 -4.50 6.76
N ILE B 111 -9.86 -5.32 7.83
CA ILE B 111 -10.59 -5.08 9.07
C ILE B 111 -10.26 -3.70 9.69
N LEU B 112 -8.97 -3.36 9.77
CA LEU B 112 -8.54 -2.09 10.36
C LEU B 112 -9.09 -0.92 9.58
N GLN B 113 -9.08 -1.00 8.25
CA GLN B 113 -9.64 0.03 7.36
C GLN B 113 -11.16 0.17 7.54
N GLN B 114 -11.84 -0.96 7.64
CA GLN B 114 -13.29 -1.06 7.85
C GLN B 114 -13.66 -0.41 9.18
N VAL B 115 -12.95 -0.80 10.26
CA VAL B 115 -13.12 -0.26 11.61
C VAL B 115 -12.91 1.27 11.57
N TYR B 116 -11.87 1.75 10.88
CA TYR B 116 -11.63 3.19 10.77
C TYR B 116 -12.79 3.91 10.06
N ASN B 117 -13.25 3.38 8.89
CA ASN B 117 -14.31 3.97 8.08
C ASN B 117 -15.64 4.09 8.80
N HIS B 118 -15.93 3.11 9.68
CA HIS B 118 -17.14 3.07 10.51
C HIS B 118 -17.00 3.96 11.76
N SER B 119 -15.76 4.28 12.20
CA SER B 119 -15.54 5.06 13.41
C SER B 119 -15.27 6.55 13.18
N VAL B 120 -14.39 6.88 12.22
CA VAL B 120 -13.99 8.26 11.95
C VAL B 120 -14.82 8.79 10.80
N THR B 121 -16.02 9.27 11.12
CA THR B 121 -17.01 9.81 10.18
C THR B 121 -16.59 11.19 9.65
N ASP B 122 -16.09 12.06 10.54
CA ASP B 122 -15.60 13.39 10.17
C ASP B 122 -14.05 13.41 10.24
N PRO B 123 -13.37 13.39 9.07
CA PRO B 123 -11.90 13.36 9.09
C PRO B 123 -11.21 14.70 9.30
N GLU B 124 -11.93 15.82 9.05
CA GLU B 124 -11.43 17.20 9.24
C GLU B 124 -11.25 17.48 10.72
N LYS B 125 -12.11 16.83 11.57
CA LYS B 125 -12.11 16.93 13.04
C LYS B 125 -10.81 16.44 13.67
N LEU B 126 -10.13 15.44 13.03
CA LEU B 126 -8.87 14.87 13.50
C LEU B 126 -7.73 15.89 13.48
N ASN B 127 -7.67 16.72 12.41
CA ASN B 127 -6.68 17.77 12.16
C ASN B 127 -5.23 17.24 12.21
N ASN B 128 -5.02 16.06 11.58
CA ASN B 128 -3.73 15.36 11.48
C ASN B 128 -3.33 15.23 10.02
N TYR B 129 -2.38 16.07 9.61
CA TYR B 129 -1.89 16.09 8.22
C TYR B 129 -0.39 15.77 8.18
N GLU B 130 0.12 15.32 9.35
CA GLU B 130 1.49 14.86 9.60
C GLU B 130 1.68 13.46 8.99
N PRO B 131 2.94 13.04 8.67
CA PRO B 131 3.13 11.67 8.16
C PRO B 131 2.74 10.67 9.25
N PHE B 132 2.23 9.49 8.87
CA PHE B 132 1.76 8.45 9.80
C PHE B 132 0.52 8.88 10.60
N SER B 133 -0.32 9.75 10.00
CA SER B 133 -1.58 10.19 10.58
C SER B 133 -2.62 9.03 10.45
N PRO B 134 -3.62 8.95 11.37
CA PRO B 134 -4.65 7.89 11.27
C PRO B 134 -5.33 7.74 9.90
N GLU B 135 -5.52 8.86 9.18
CA GLU B 135 -6.14 8.96 7.86
C GLU B 135 -5.40 8.15 6.80
N VAL B 136 -4.07 8.01 6.92
CA VAL B 136 -3.23 7.28 5.94
C VAL B 136 -2.62 5.97 6.51
N TYR B 137 -3.17 5.43 7.63
CA TYR B 137 -2.64 4.25 8.31
C TYR B 137 -2.40 3.05 7.37
N GLY B 138 -3.41 2.71 6.58
CA GLY B 138 -3.37 1.59 5.63
C GLY B 138 -2.27 1.71 4.60
N GLU B 139 -2.05 2.93 4.10
CA GLU B 139 -1.03 3.17 3.08
C GLU B 139 0.39 3.25 3.58
N THR B 140 0.59 3.92 4.72
CA THR B 140 1.94 4.19 5.21
C THR B 140 2.34 3.51 6.53
N SER B 141 1.40 3.03 7.34
CA SER B 141 1.75 2.48 8.64
C SER B 141 1.58 0.99 8.82
N PHE B 142 0.51 0.40 8.22
CA PHE B 142 0.17 -0.99 8.39
C PHE B 142 1.35 -1.97 8.10
N ASP B 143 1.98 -1.81 6.92
CA ASP B 143 3.09 -2.68 6.50
C ASP B 143 4.29 -2.55 7.41
N LEU B 144 4.59 -1.34 7.86
CA LEU B 144 5.71 -1.05 8.75
C LEU B 144 5.47 -1.68 10.12
N VAL B 145 4.25 -1.50 10.69
CA VAL B 145 3.86 -2.14 11.95
C VAL B 145 3.97 -3.68 11.85
N ALA B 146 3.56 -4.27 10.71
CA ALA B 146 3.63 -5.72 10.46
C ALA B 146 5.07 -6.21 10.46
N GLN B 147 5.99 -5.46 9.83
CA GLN B 147 7.42 -5.79 9.80
C GLN B 147 8.02 -5.69 11.21
N MET B 148 7.59 -4.68 12.00
CA MET B 148 8.02 -4.46 13.38
C MET B 148 7.56 -5.65 14.25
N ILE B 149 6.30 -6.08 14.10
CA ILE B 149 5.74 -7.25 14.81
C ILE B 149 6.62 -8.52 14.55
N ASP B 150 6.99 -8.78 13.27
CA ASP B 150 7.83 -9.91 12.87
C ASP B 150 9.24 -9.83 13.46
N GLU B 151 9.78 -8.61 13.61
CA GLU B 151 11.11 -8.38 14.17
C GLU B 151 11.17 -8.44 15.71
N ILE B 152 10.25 -7.75 16.38
CA ILE B 152 10.20 -7.63 17.84
C ILE B 152 9.37 -8.81 18.32
N LYS B 153 10.01 -9.89 18.73
CA LYS B 153 9.27 -11.10 19.12
C LYS B 153 8.58 -10.88 20.45
N MET B 154 7.25 -10.99 20.46
CA MET B 154 6.47 -10.80 21.69
C MET B 154 5.80 -12.09 22.14
N THR B 155 5.82 -12.35 23.46
CA THR B 155 5.22 -13.55 24.06
C THR B 155 4.10 -13.15 25.03
N ASP B 156 3.46 -14.14 25.68
CA ASP B 156 2.41 -13.95 26.68
C ASP B 156 2.91 -13.27 27.96
N ASP B 157 4.23 -13.15 28.14
CA ASP B 157 4.85 -12.47 29.28
C ASP B 157 4.93 -10.97 29.02
N ASP B 158 4.86 -10.55 27.76
CA ASP B 158 4.97 -9.15 27.37
C ASP B 158 3.72 -8.30 27.61
N LEU B 159 3.96 -7.00 27.94
CA LEU B 159 2.92 -5.98 28.08
C LEU B 159 3.33 -4.90 27.09
N PHE B 160 2.46 -4.61 26.13
CA PHE B 160 2.74 -3.65 25.07
C PHE B 160 2.00 -2.31 25.33
N VAL B 161 2.73 -1.19 25.17
CA VAL B 161 2.14 0.13 25.34
C VAL B 161 2.54 1.03 24.19
N ASP B 162 1.54 1.64 23.51
CA ASP B 162 1.76 2.67 22.49
C ASP B 162 1.54 4.03 23.20
N LEU B 163 2.63 4.82 23.39
CA LEU B 163 2.57 6.13 24.04
C LEU B 163 2.20 7.20 23.00
N GLY B 164 0.97 7.69 23.06
CA GLY B 164 0.41 8.64 22.10
C GLY B 164 -0.16 7.81 20.96
N SER B 165 -1.20 7.03 21.28
CA SER B 165 -1.79 6.01 20.40
C SER B 165 -2.81 6.49 19.37
N GLY B 166 -3.05 7.81 19.29
CA GLY B 166 -4.01 8.39 18.35
C GLY B 166 -5.41 7.81 18.50
N VAL B 167 -5.93 7.19 17.42
CA VAL B 167 -7.25 6.53 17.44
C VAL B 167 -7.12 5.03 17.79
N GLY B 168 -5.90 4.58 18.11
CA GLY B 168 -5.61 3.23 18.59
C GLY B 168 -5.24 2.16 17.58
N GLN B 169 -4.98 2.56 16.33
CA GLN B 169 -4.69 1.67 15.22
C GLN B 169 -3.50 0.71 15.44
N VAL B 170 -2.37 1.20 16.00
CA VAL B 170 -1.18 0.37 16.27
C VAL B 170 -1.56 -0.70 17.29
N VAL B 171 -2.26 -0.30 18.37
CA VAL B 171 -2.69 -1.21 19.44
C VAL B 171 -3.60 -2.31 18.86
N LEU B 172 -4.58 -1.93 17.98
CA LEU B 172 -5.48 -2.90 17.39
C LEU B 172 -4.73 -3.91 16.53
N GLN B 173 -3.76 -3.43 15.72
CA GLN B 173 -2.95 -4.29 14.86
C GLN B 173 -2.10 -5.28 15.65
N VAL B 174 -1.38 -4.77 16.68
CA VAL B 174 -0.53 -5.57 17.56
C VAL B 174 -1.39 -6.57 18.35
N ALA B 175 -2.53 -6.14 18.92
CA ALA B 175 -3.44 -7.05 19.65
C ALA B 175 -4.00 -8.14 18.72
N ALA B 176 -4.26 -7.81 17.45
CA ALA B 176 -4.75 -8.83 16.52
C ALA B 176 -3.64 -9.79 16.06
N ALA B 177 -2.37 -9.39 16.19
CA ALA B 177 -1.27 -10.22 15.72
C ALA B 177 -0.50 -10.98 16.80
N THR B 178 -0.40 -10.45 18.02
CA THR B 178 0.44 -11.08 19.04
C THR B 178 -0.34 -11.70 20.19
N ASN B 179 0.35 -12.47 21.02
CA ASN B 179 -0.23 -13.03 22.21
C ASN B 179 0.25 -12.29 23.51
N CYS B 180 0.59 -10.95 23.46
CA CYS B 180 0.95 -10.20 24.67
C CYS B 180 -0.18 -10.34 25.65
N LYS B 181 0.17 -10.38 26.95
CA LYS B 181 -0.76 -10.44 28.07
C LYS B 181 -1.80 -9.31 27.91
N HIS B 182 -1.34 -8.09 27.56
CA HIS B 182 -2.21 -6.93 27.40
C HIS B 182 -1.53 -5.88 26.53
N HIS B 183 -2.32 -5.09 25.82
CA HIS B 183 -1.87 -4.02 24.93
C HIS B 183 -2.57 -2.77 25.36
N TYR B 184 -1.83 -1.69 25.54
CA TYR B 184 -2.44 -0.44 25.96
C TYR B 184 -2.14 0.66 24.97
N GLY B 185 -3.12 1.52 24.80
CA GLY B 185 -2.98 2.73 24.02
C GLY B 185 -3.34 3.90 24.91
N VAL B 186 -2.43 4.86 25.06
CA VAL B 186 -2.67 6.07 25.85
C VAL B 186 -2.57 7.30 24.93
N GLU B 187 -3.64 8.11 24.88
CA GLU B 187 -3.69 9.30 24.04
C GLU B 187 -4.20 10.49 24.85
N LYS B 188 -3.50 11.63 24.79
CA LYS B 188 -3.85 12.83 25.54
C LYS B 188 -4.95 13.67 24.90
N ALA B 189 -4.88 13.89 23.57
CA ALA B 189 -5.86 14.72 22.85
C ALA B 189 -7.28 14.15 22.90
N ASP B 190 -8.26 15.03 23.22
CA ASP B 190 -9.68 14.67 23.36
CA ASP B 190 -9.67 14.68 23.37
C ASP B 190 -10.31 14.05 22.11
N ILE B 191 -10.14 14.70 20.92
CA ILE B 191 -10.71 14.23 19.65
C ILE B 191 -10.21 12.79 19.27
N PRO B 192 -8.89 12.49 19.19
CA PRO B 192 -8.47 11.11 18.86
C PRO B 192 -8.90 10.09 19.90
N ALA B 193 -8.79 10.43 21.20
CA ALA B 193 -9.18 9.56 22.32
C ALA B 193 -10.68 9.22 22.31
N LYS B 194 -11.53 10.16 21.84
CA LYS B 194 -12.97 9.97 21.71
C LYS B 194 -13.24 9.02 20.54
N TYR B 195 -12.57 9.25 19.39
CA TYR B 195 -12.68 8.37 18.23
C TYR B 195 -12.21 6.95 18.58
N ALA B 196 -11.16 6.83 19.43
CA ALA B 196 -10.60 5.56 19.91
C ALA B 196 -11.65 4.70 20.61
N GLU B 197 -12.61 5.34 21.30
CA GLU B 197 -13.72 4.65 21.98
C GLU B 197 -14.61 3.94 20.95
N THR B 198 -14.86 4.60 19.81
CA THR B 198 -15.65 4.01 18.74
C THR B 198 -14.83 2.92 18.04
N MET B 199 -13.51 3.19 17.78
CA MET B 199 -12.61 2.22 17.15
C MET B 199 -12.61 0.90 17.92
N ASP B 200 -12.57 1.00 19.26
CA ASP B 200 -12.58 -0.13 20.18
C ASP B 200 -13.85 -0.99 20.00
N ARG B 201 -15.05 -0.35 20.04
CA ARG B 201 -16.34 -1.02 19.84
C ARG B 201 -16.43 -1.62 18.44
N GLU B 202 -16.09 -0.85 17.41
CA GLU B 202 -16.12 -1.30 16.01
C GLU B 202 -15.16 -2.47 15.75
N PHE B 203 -13.98 -2.45 16.40
CA PHE B 203 -12.99 -3.53 16.25
C PHE B 203 -13.50 -4.83 16.85
N ARG B 204 -14.01 -4.79 18.09
CA ARG B 204 -14.56 -5.97 18.77
C ARG B 204 -15.74 -6.56 18.01
N LYS B 205 -16.64 -5.69 17.48
CA LYS B 205 -17.82 -6.10 16.70
C LYS B 205 -17.40 -6.79 15.38
N TRP B 206 -16.52 -6.15 14.57
CA TRP B 206 -16.07 -6.69 13.30
C TRP B 206 -15.27 -7.97 13.46
N MET B 207 -14.42 -8.05 14.49
CA MET B 207 -13.63 -9.27 14.75
C MET B 207 -14.54 -10.44 15.09
N LYS B 208 -15.62 -10.17 15.84
CA LYS B 208 -16.64 -11.17 16.16
C LYS B 208 -17.39 -11.59 14.89
N TRP B 209 -17.71 -10.62 14.00
CA TRP B 209 -18.43 -10.88 12.74
C TRP B 209 -17.62 -11.87 11.86
N TYR B 210 -16.30 -11.67 11.75
CA TYR B 210 -15.40 -12.56 10.97
C TYR B 210 -15.08 -13.85 11.71
N GLY B 211 -15.22 -13.83 13.05
CA GLY B 211 -14.88 -14.96 13.90
C GLY B 211 -13.39 -15.01 14.20
N LYS B 212 -12.77 -13.83 14.32
CA LYS B 212 -11.31 -13.73 14.52
C LYS B 212 -10.92 -13.40 15.94
N LYS B 213 -9.81 -14.01 16.36
CA LYS B 213 -9.22 -13.86 17.68
C LYS B 213 -8.27 -12.66 17.75
N HIS B 214 -8.24 -12.00 18.91
CA HIS B 214 -7.31 -10.92 19.24
C HIS B 214 -6.99 -11.02 20.72
N ALA B 215 -5.84 -10.49 21.10
CA ALA B 215 -5.41 -10.45 22.48
C ALA B 215 -6.17 -9.32 23.19
N GLU B 216 -6.09 -9.29 24.53
CA GLU B 216 -6.71 -8.25 25.34
C GLU B 216 -6.04 -6.92 25.11
N TYR B 217 -6.83 -5.84 25.04
CA TYR B 217 -6.29 -4.50 24.86
C TYR B 217 -7.17 -3.44 25.54
N THR B 218 -6.60 -2.24 25.79
CA THR B 218 -7.31 -1.11 26.38
C THR B 218 -6.83 0.17 25.71
N LEU B 219 -7.78 0.98 25.23
CA LEU B 219 -7.53 2.31 24.68
C LEU B 219 -8.02 3.31 25.71
N GLU B 220 -7.13 4.18 26.20
CA GLU B 220 -7.51 5.14 27.24
C GLU B 220 -6.99 6.55 26.98
N ARG B 221 -7.70 7.53 27.54
CA ARG B 221 -7.30 8.92 27.45
C ARG B 221 -6.36 9.18 28.64
N GLY B 222 -5.28 9.92 28.39
CA GLY B 222 -4.33 10.27 29.45
C GLY B 222 -3.03 10.86 28.97
N ASP B 223 -2.23 11.33 29.91
CA ASP B 223 -0.92 11.93 29.69
C ASP B 223 0.10 10.89 30.13
N PHE B 224 0.88 10.35 29.18
CA PHE B 224 1.89 9.35 29.49
C PHE B 224 3.06 9.91 30.33
N LEU B 225 3.11 11.24 30.53
CA LEU B 225 4.13 11.88 31.37
C LEU B 225 3.62 12.12 32.81
N SER B 226 2.37 11.67 33.12
CA SER B 226 1.79 11.83 34.45
C SER B 226 2.44 10.89 35.47
N GLU B 227 2.16 11.11 36.77
CA GLU B 227 2.66 10.32 37.89
C GLU B 227 2.15 8.89 37.86
N GLU B 228 0.85 8.73 37.54
CA GLU B 228 0.18 7.44 37.37
C GLU B 228 0.94 6.63 36.29
N TRP B 229 1.33 7.28 35.19
CA TRP B 229 2.01 6.62 34.07
C TRP B 229 3.49 6.31 34.31
N ARG B 230 4.13 6.87 35.37
CA ARG B 230 5.52 6.61 35.73
C ARG B 230 5.77 5.13 36.03
N GLU B 231 4.94 4.54 36.92
CA GLU B 231 5.04 3.13 37.30
C GLU B 231 4.51 2.22 36.21
N ARG B 232 3.56 2.73 35.41
CA ARG B 232 3.02 1.97 34.26
C ARG B 232 4.10 1.74 33.20
N ILE B 233 4.89 2.78 32.90
CA ILE B 233 6.03 2.70 31.97
C ILE B 233 7.10 1.74 32.55
N ALA B 234 7.41 1.86 33.86
CA ALA B 234 8.40 1.01 34.54
C ALA B 234 8.05 -0.47 34.43
N ASN B 235 6.74 -0.81 34.44
CA ASN B 235 6.26 -2.19 34.34
C ASN B 235 5.98 -2.67 32.90
N THR B 236 6.20 -1.81 31.89
CA THR B 236 5.98 -2.16 30.49
C THR B 236 7.19 -2.89 29.94
N SER B 237 6.97 -3.98 29.20
CA SER B 237 8.08 -4.71 28.59
C SER B 237 8.38 -4.25 27.16
N VAL B 238 7.35 -3.76 26.42
CA VAL B 238 7.52 -3.26 25.04
C VAL B 238 6.79 -1.92 24.90
N ILE B 239 7.56 -0.86 24.67
CA ILE B 239 7.02 0.48 24.44
C ILE B 239 7.14 0.77 22.93
N PHE B 240 6.08 1.32 22.34
CA PHE B 240 6.05 1.79 20.98
C PHE B 240 5.80 3.29 21.11
N VAL B 241 6.69 4.11 20.52
CA VAL B 241 6.52 5.56 20.65
C VAL B 241 6.98 6.29 19.39
N ASN B 242 6.08 7.04 18.77
CA ASN B 242 6.42 7.87 17.63
C ASN B 242 6.89 9.21 18.19
N ASN B 243 8.18 9.27 18.55
CA ASN B 243 8.81 10.43 19.17
C ASN B 243 9.44 11.40 18.15
N PHE B 244 9.21 11.14 16.87
CA PHE B 244 9.76 11.92 15.77
C PHE B 244 9.63 13.44 15.95
N ALA B 245 8.43 13.92 16.33
CA ALA B 245 8.15 15.35 16.49
C ALA B 245 8.16 15.84 17.96
N PHE B 246 8.70 15.03 18.88
CA PHE B 246 8.78 15.42 20.29
C PHE B 246 9.85 16.49 20.54
N GLY B 247 9.50 17.49 21.36
CA GLY B 247 10.42 18.54 21.75
C GLY B 247 11.48 18.03 22.73
N PRO B 248 12.56 18.81 23.00
CA PRO B 248 13.60 18.34 23.93
C PRO B 248 13.13 18.00 25.34
N GLU B 249 12.10 18.73 25.82
CA GLU B 249 11.50 18.57 27.14
C GLU B 249 10.76 17.24 27.28
N VAL B 250 9.88 16.91 26.32
CA VAL B 250 9.13 15.66 26.30
C VAL B 250 10.12 14.50 26.14
N ASP B 251 11.13 14.67 25.27
CA ASP B 251 12.18 13.68 25.04
C ASP B 251 12.95 13.40 26.35
N HIS B 252 13.31 14.49 27.09
CA HIS B 252 14.02 14.43 28.37
C HIS B 252 13.20 13.69 29.44
N GLN B 253 11.91 14.08 29.61
CA GLN B 253 11.00 13.45 30.56
C GLN B 253 10.81 11.96 30.27
N LEU B 254 10.69 11.58 28.97
CA LEU B 254 10.54 10.20 28.55
C LEU B 254 11.73 9.33 28.92
N LYS B 255 12.97 9.84 28.69
CA LYS B 255 14.23 9.16 29.04
C LYS B 255 14.26 8.86 30.55
N GLU B 256 13.72 9.77 31.38
CA GLU B 256 13.61 9.63 32.83
C GLU B 256 12.67 8.47 33.18
N ARG B 257 11.54 8.33 32.46
CA ARG B 257 10.53 7.26 32.61
C ARG B 257 11.14 5.91 32.22
N PHE B 258 11.89 5.88 31.08
CA PHE B 258 12.53 4.67 30.58
C PHE B 258 13.61 4.11 31.51
N ALA B 259 14.30 5.01 32.27
CA ALA B 259 15.35 4.61 33.21
C ALA B 259 14.84 3.72 34.35
N ASN B 260 13.54 3.72 34.59
CA ASN B 260 12.93 2.88 35.63
C ASN B 260 12.50 1.49 35.09
N MET B 261 12.65 1.24 33.78
CA MET B 261 12.26 -0.04 33.17
C MET B 261 13.15 -1.21 33.59
N LYS B 262 12.63 -2.45 33.46
CA LYS B 262 13.34 -3.68 33.83
C LYS B 262 14.38 -4.08 32.78
N GLU B 263 15.40 -4.91 33.16
CA GLU B 263 16.38 -5.44 32.20
C GLU B 263 15.60 -6.17 31.12
N GLY B 264 16.00 -5.98 29.87
CA GLY B 264 15.31 -6.60 28.74
C GLY B 264 14.11 -5.83 28.24
N GLY B 265 13.73 -4.76 28.95
CA GLY B 265 12.64 -3.88 28.54
C GLY B 265 13.00 -3.25 27.21
N ARG B 266 12.03 -3.14 26.29
CA ARG B 266 12.29 -2.66 24.95
C ARG B 266 11.48 -1.44 24.56
N ILE B 267 12.11 -0.56 23.76
CA ILE B 267 11.49 0.66 23.25
C ILE B 267 11.70 0.67 21.75
N VAL B 268 10.59 0.81 20.98
CA VAL B 268 10.54 0.87 19.53
C VAL B 268 10.10 2.29 19.22
N SER B 269 10.97 3.03 18.54
CA SER B 269 10.72 4.44 18.26
C SER B 269 11.14 4.85 16.86
N SER B 270 10.78 6.09 16.46
CA SER B 270 11.06 6.64 15.13
C SER B 270 12.37 7.47 15.07
N LYS B 271 12.86 7.91 16.24
CA LYS B 271 14.13 8.61 16.42
C LYS B 271 14.80 7.95 17.62
N PRO B 272 16.14 7.69 17.62
CA PRO B 272 16.76 7.03 18.78
C PRO B 272 16.82 7.93 20.01
N PHE B 273 16.68 7.35 21.19
CA PHE B 273 16.73 8.06 22.45
C PHE B 273 18.16 8.21 22.93
N ALA B 274 19.05 7.34 22.45
CA ALA B 274 20.49 7.41 22.77
C ALA B 274 21.25 7.16 21.46
N PRO B 275 22.50 7.68 21.30
CA PRO B 275 23.21 7.44 20.03
C PRO B 275 23.49 5.96 19.79
N LEU B 276 23.50 5.57 18.51
CA LEU B 276 23.75 4.18 18.10
C LEU B 276 25.20 3.78 18.43
N ASN B 277 26.09 4.79 18.44
CA ASN B 277 27.54 4.78 18.63
C ASN B 277 27.97 5.27 20.04
N PHE B 278 27.05 5.22 21.03
CA PHE B 278 27.33 5.68 22.38
C PHE B 278 28.58 5.04 22.99
N ARG B 279 29.52 5.90 23.43
CA ARG B 279 30.76 5.48 24.08
C ARG B 279 30.75 5.99 25.51
N ILE B 280 30.58 5.06 26.48
CA ILE B 280 30.54 5.34 27.91
C ILE B 280 31.87 5.88 28.37
N ASN B 281 31.85 7.12 28.89
CA ASN B 281 33.00 7.83 29.43
C ASN B 281 32.64 8.55 30.74
N SER B 282 33.63 9.21 31.36
CA SER B 282 33.48 9.95 32.62
C SER B 282 32.58 11.20 32.51
N ARG B 283 32.41 11.76 31.30
CA ARG B 283 31.64 12.98 31.09
C ARG B 283 30.19 12.75 30.63
N ASN B 284 29.80 11.50 30.35
CA ASN B 284 28.43 11.23 29.90
C ASN B 284 27.72 10.12 30.72
N LEU B 285 28.05 9.99 32.03
CA LEU B 285 27.45 9.01 32.93
C LEU B 285 25.97 9.26 33.25
N SER B 286 25.48 10.49 33.03
CA SER B 286 24.08 10.85 33.25
C SER B 286 23.20 10.58 32.03
N ASP B 287 23.79 10.20 30.89
CA ASP B 287 23.05 9.94 29.65
C ASP B 287 22.35 8.59 29.65
N ILE B 288 21.18 8.52 29.01
CA ILE B 288 20.39 7.29 28.89
C ILE B 288 21.17 6.15 28.14
N GLY B 289 22.18 6.52 27.34
CA GLY B 289 23.07 5.62 26.61
C GLY B 289 23.82 4.63 27.47
N THR B 290 24.02 4.96 28.77
CA THR B 290 24.70 4.12 29.77
C THR B 290 23.90 2.85 30.15
N ILE B 291 22.56 2.84 29.95
CA ILE B 291 21.74 1.71 30.40
C ILE B 291 20.90 1.03 29.28
N MET B 292 21.25 1.27 28.02
CA MET B 292 20.54 0.64 26.92
C MET B 292 21.39 0.43 25.70
N ARG B 293 21.14 -0.69 25.01
CA ARG B 293 21.69 -1.03 23.70
C ARG B 293 20.63 -0.45 22.74
N VAL B 294 21.05 0.15 21.62
CA VAL B 294 20.20 0.74 20.59
C VAL B 294 20.64 0.18 19.25
N VAL B 295 19.68 -0.22 18.40
CA VAL B 295 19.95 -0.71 17.05
C VAL B 295 18.99 -0.04 16.05
N GLU B 296 19.46 0.19 14.83
CA GLU B 296 18.64 0.75 13.77
C GLU B 296 18.16 -0.42 12.96
N LEU B 297 16.84 -0.52 12.80
CA LEU B 297 16.19 -1.55 12.01
C LEU B 297 15.53 -0.94 10.80
N SER B 298 15.52 -1.66 9.71
CA SER B 298 14.90 -1.17 8.48
C SER B 298 14.36 -2.32 7.69
N PRO B 299 13.12 -2.22 7.20
CA PRO B 299 12.61 -3.30 6.33
C PRO B 299 13.41 -3.45 5.02
N LEU B 300 14.08 -2.38 4.55
CA LEU B 300 14.92 -2.44 3.35
C LEU B 300 16.17 -3.33 3.46
N LYS B 301 16.59 -3.67 4.70
CA LYS B 301 17.74 -4.56 4.96
C LYS B 301 17.29 -6.01 5.20
N GLY B 302 18.14 -6.97 4.85
CA GLY B 302 17.85 -8.40 4.97
C GLY B 302 17.06 -8.97 3.80
N SER B 303 16.53 -10.21 3.98
CA SER B 303 15.77 -10.96 2.96
C SER B 303 14.31 -10.48 2.79
N VAL B 304 13.89 -9.50 3.61
CA VAL B 304 12.57 -8.88 3.63
C VAL B 304 12.34 -8.20 2.28
N SER B 305 11.35 -8.71 1.49
CA SER B 305 11.00 -8.11 0.19
C SER B 305 10.12 -6.84 0.37
N TRP B 306 10.74 -5.76 0.89
CA TRP B 306 10.10 -4.46 1.13
C TRP B 306 10.10 -3.63 -0.13
N THR B 307 8.98 -2.94 -0.40
CA THR B 307 8.83 -2.07 -1.56
C THR B 307 8.12 -0.76 -1.16
N GLY B 308 7.98 -0.49 0.13
CA GLY B 308 7.41 0.77 0.65
C GLY B 308 8.47 1.86 0.78
N LYS B 309 8.20 2.89 1.61
CA LYS B 309 9.10 4.03 1.90
C LYS B 309 10.45 3.62 2.49
N PRO B 310 11.55 4.36 2.21
CA PRO B 310 12.86 3.98 2.77
C PRO B 310 13.00 4.41 4.25
N VAL B 311 12.22 3.77 5.10
CA VAL B 311 12.12 4.02 6.53
C VAL B 311 13.06 3.19 7.38
N SER B 312 13.33 3.69 8.56
CA SER B 312 14.08 2.98 9.59
C SER B 312 13.42 3.26 10.94
N TYR B 313 13.58 2.35 11.90
CA TYR B 313 13.06 2.50 13.24
C TYR B 313 14.13 2.03 14.23
N TYR B 314 13.96 2.36 15.50
CA TYR B 314 14.98 2.14 16.51
C TYR B 314 14.52 1.26 17.65
N LEU B 315 15.29 0.20 17.91
CA LEU B 315 15.04 -0.72 19.00
C LEU B 315 16.03 -0.47 20.14
N HIS B 316 15.53 -0.10 21.33
CA HIS B 316 16.35 0.10 22.54
C HIS B 316 16.04 -1.04 23.50
N THR B 317 17.09 -1.61 24.12
CA THR B 317 16.96 -2.70 25.08
C THR B 317 17.66 -2.32 26.35
N ILE B 318 16.93 -2.34 27.47
CA ILE B 318 17.48 -2.02 28.78
C ILE B 318 18.55 -3.06 29.11
N ASP B 319 19.79 -2.57 29.30
CA ASP B 319 20.98 -3.37 29.57
C ASP B 319 21.91 -2.57 30.49
N ARG B 320 21.77 -2.76 31.82
CA ARG B 320 22.57 -2.03 32.81
C ARG B 320 24.02 -2.50 32.88
N THR B 321 24.39 -3.56 32.11
CA THR B 321 25.77 -4.05 32.08
C THR B 321 26.71 -3.04 31.43
N ILE B 322 26.21 -2.12 30.54
CA ILE B 322 27.06 -1.07 29.95
C ILE B 322 27.64 -0.20 31.09
N LEU B 323 26.77 0.17 32.06
CA LEU B 323 27.14 0.96 33.22
C LEU B 323 27.98 0.14 34.19
N GLU B 324 27.58 -1.12 34.44
CA GLU B 324 28.30 -2.02 35.35
C GLU B 324 29.74 -2.29 34.93
N ASN B 325 29.98 -2.61 33.62
CA ASN B 325 31.30 -2.90 33.07
C ASN B 325 32.23 -1.70 33.17
N TYR B 326 31.69 -0.48 32.99
CA TYR B 326 32.45 0.76 33.09
C TYR B 326 32.97 0.96 34.51
N PHE B 327 32.10 0.77 35.52
CA PHE B 327 32.49 0.90 36.91
C PHE B 327 33.47 -0.18 37.33
N SER B 328 33.33 -1.40 36.79
CA SER B 328 34.24 -2.52 37.08
C SER B 328 35.62 -2.27 36.48
N SER B 329 35.66 -1.61 35.30
CA SER B 329 36.90 -1.23 34.60
C SER B 329 37.71 -0.19 35.38
N LEU B 330 37.01 0.71 36.12
CA LEU B 330 37.60 1.77 36.93
C LEU B 330 38.22 1.22 38.22
N LYS B 331 37.54 0.24 38.85
CA LYS B 331 37.96 -0.40 40.09
C LYS B 331 39.13 -1.37 39.88
C1 N5K C . -9.06 -3.39 -11.71
C2 N5K C . -8.48 -4.60 -11.24
C3 N5K C . -9.29 -5.58 -10.67
C12 N5K C . -6.91 -2.54 -12.62
C13 N5K C . -6.65 -3.44 -13.85
C14 N5K C . -5.67 -4.47 -13.80
C15 N5K C . -5.43 -5.34 -14.85
C16 N5K C . -6.12 -5.20 -16.08
C17 N5K C . -7.14 -4.23 -16.14
C18 N5K C . -7.43 -3.39 -15.03
C19 N5K C . -6.33 -1.16 -12.97
C20 N5K C . -5.00 -0.81 -12.63
C21 N5K C . -4.46 0.43 -13.01
C22 N5K C . -5.25 1.28 -13.80
C23 N5K C . -6.57 0.90 -14.11
C28 N5K C . -4.00 -5.78 -13.27
C4 N5K C . -10.68 -5.36 -10.54
C5 N5K C . -11.26 -4.16 -10.97
C6 N5K C . -10.44 -3.17 -11.58
N7 N5K C . -10.96 -2.04 -12.12
S8 N5K C . -11.70 -6.59 -9.78
O9 N5K C . -11.00 -7.09 -8.62
O10 N5K C . -13.04 -6.09 -9.64
N11 N5K C . -11.74 -7.70 -11.00
N24 N5K C . -7.06 -0.30 -13.72
CL1 N5K C . -4.02 -1.88 -11.68
N26 N5K C . -8.32 -2.41 -12.27
O27 N5K C . -4.87 -4.77 -12.73
O29 N5K C . -4.38 -6.24 -14.61
F30 N5K C . -2.74 -5.35 -13.21
F31 N5K C . -4.10 -6.83 -12.43
C32 N5K C . -11.95 -1.28 -11.61
N33 N5K C . -12.33 -0.15 -12.25
C34 N5K C . -13.32 0.60 -11.72
N35 N5K C . -13.89 0.26 -10.53
C36 N5K C . -13.51 -0.87 -9.88
N37 N5K C . -12.51 -1.61 -10.42
O38 N5K C . -14.08 -1.25 -8.67
C39 N5K C . -14.00 -2.62 -8.21
N40 N5K C . -13.73 1.71 -12.38
S SO4 D . 18.71 -4.84 -15.90
O1 SO4 D . 20.12 -4.83 -15.48
O2 SO4 D . 18.36 -6.19 -16.36
O3 SO4 D . 17.88 -4.49 -14.73
O4 SO4 D . 18.51 -3.87 -16.97
C1 N5K E . 7.83 6.64 11.81
C2 N5K E . 8.67 5.61 11.34
C3 N5K E . 9.91 5.90 10.77
C12 N5K E . 6.10 5.09 12.73
C13 N5K E . 6.81 4.44 13.94
C14 N5K E . 7.25 3.09 13.88
C15 N5K E . 7.85 2.46 14.96
C16 N5K E . 8.02 3.08 16.19
C17 N5K E . 7.59 4.42 16.27
C18 N5K E . 7.04 5.11 15.16
C19 N5K E . 4.60 5.17 13.08
C20 N5K E . 3.68 4.17 12.67
C21 N5K E . 2.32 4.28 13.01
C22 N5K E . 1.91 5.36 13.83
C23 N5K E . 2.86 6.34 14.22
C28 N5K E . 7.55 1.01 13.38
C4 N5K E . 10.31 7.23 10.64
C5 N5K E . 9.49 8.26 11.11
C6 N5K E . 8.23 7.99 11.68
N7 N5K E . 7.39 8.93 12.19
S8 N5K E . 11.90 7.57 9.93
O9 N5K E . 12.17 6.66 8.84
O10 N5K E . 12.09 8.98 9.67
N11 N5K E . 12.85 7.21 11.22
N24 N5K E . 4.16 6.22 13.85
CL1 N5K E . 4.19 2.81 11.67
N26 N5K E . 6.61 6.41 12.36
O27 N5K E . 7.17 2.27 12.77
O29 N5K E . 8.17 1.14 14.70
F30 N5K E . 6.49 0.18 13.42
F31 N5K E . 8.49 0.44 12.58
C32 N5K E . 7.17 10.17 11.71
N33 N5K E . 6.31 10.99 12.36
C34 N5K E . 6.13 12.27 11.93
N35 N5K E . 6.78 12.69 10.82
C36 N5K E . 7.61 11.86 10.13
N37 N5K E . 7.80 10.60 10.59
O38 N5K E . 8.29 12.29 8.97
C39 N5K E . 9.01 11.31 8.20
N40 N5K E . 5.30 13.11 12.59
S SO4 F . -31.31 -11.81 4.18
O1 SO4 F . -31.20 -13.23 4.49
O2 SO4 F . -30.66 -11.51 2.88
O3 SO4 F . -30.68 -11.03 5.27
O4 SO4 F . -32.74 -11.46 4.11
S SO4 G . -3.80 -18.59 16.28
O1 SO4 G . -2.71 -18.78 17.24
O2 SO4 G . -4.19 -19.89 15.69
O3 SO4 G . -4.94 -18.03 16.99
O4 SO4 G . -3.36 -17.71 15.19
#